data_6LQ8
#
_entry.id   6LQ8
#
_cell.length_a   98.082
_cell.length_b   205.723
_cell.length_c   74.185
_cell.angle_alpha   90.000
_cell.angle_beta   90.000
_cell.angle_gamma   90.000
#
_symmetry.space_group_name_H-M   'P 21 21 2'
#
loop_
_entity.id
_entity.type
_entity.pdbx_description
1 polymer 'Acyl-CoA dehydrogenase'
2 non-polymer 'FLAVIN-ADENINE DINUCLEOTIDE'
3 non-polymer 'docosanoic acid'
4 non-polymer 'COENZYME A'
5 water water
#
_entity_poly.entity_id   1
_entity_poly.type   'polypeptide(L)'
_entity_poly.pdbx_seq_one_letter_code
;SMSHYKSNVRDQVFNLFEVFGVDKVLGADKFSDLDADTAREMLTEIARLAEGPIAESFVEGDRNPPVFDPETHTVTLPEG
FKKSMRALFDGGWDKVGLAEHLGGIPMPRALQWALIEHILGANPAAYMYAMGPGMSEIFYNNGTDEQKKWATIAAERGWG
ATMVLTEPDAGSDVGAGRTKAVQQPDGTWHIEGVKRFITSADSDDLFENIMHLVLARPEGAGPGTKGLSLFFVPKFHFDH
ETGEIGERNGVFVTNVEHKMGLKVSATCELSLGQHGIPAVGWLVGEVHNGIAQMFDVIEQARMMVGTKAIATLSTGYLNA
LEYAKERVQGADMTQMTDKTAPRVTITHHPDVRRSLMTQKAYAEGLRAIYLYTATFQDAEVAQAVHGVDGDLAARVNDLL
LPIVKGFGSETAYAKLTESLQTLGGSGFLQDYPIEQYIRDSKIDSLYAGTTAIQAQDFFFRKIIRDKGQALAYVAGEIEQ
FIKNENGNGRLKTERELLATALADVQGMAASLTGYLMAAQEDAASIYKVGLGSVRFLMAVGDLLSGWLLARQAAVAIEKL
DAGATGADKSFYEGKIAAASFFAKNMLPLLTSTRQIIENLDNDVMELDEAAF
;
_entity_poly.pdbx_strand_id   A,B
#
# COMPACT_ATOMS: atom_id res chain seq x y z
N MET A 2 -7.04 20.18 -15.93
CA MET A 2 -7.33 19.33 -17.09
C MET A 2 -7.74 17.93 -16.61
N SER A 3 -7.08 16.90 -17.12
CA SER A 3 -7.43 15.55 -16.73
C SER A 3 -6.61 15.12 -15.51
N HIS A 4 -6.92 13.92 -15.04
CA HIS A 4 -6.13 13.33 -13.96
C HIS A 4 -4.67 13.16 -14.35
N TYR A 5 -4.41 12.90 -15.64
CA TYR A 5 -3.08 12.44 -16.07
C TYR A 5 -2.14 13.63 -16.26
N LYS A 6 -1.07 13.67 -15.47
CA LYS A 6 -0.05 14.70 -15.60
C LYS A 6 1.21 14.04 -16.15
N SER A 7 1.60 14.42 -17.37
CA SER A 7 2.70 13.79 -18.09
C SER A 7 4.03 14.48 -17.79
N ASN A 8 5.14 13.82 -18.19
CA ASN A 8 6.46 14.42 -18.01
C ASN A 8 7.34 14.16 -19.24
N VAL A 9 6.96 14.75 -20.36
CA VAL A 9 7.79 14.64 -21.57
C VAL A 9 9.18 15.23 -21.34
N ARG A 10 9.27 16.34 -20.60
CA ARG A 10 10.57 16.98 -20.39
C ARG A 10 11.57 16.01 -19.78
N ASP A 11 11.14 15.23 -18.79
CA ASP A 11 12.06 14.29 -18.18
C ASP A 11 12.38 13.14 -19.12
N GLN A 12 11.42 12.71 -19.93
CA GLN A 12 11.71 11.64 -20.89
C GLN A 12 12.74 12.10 -21.91
N VAL A 13 12.57 13.32 -22.43
CA VAL A 13 13.49 13.84 -23.42
C VAL A 13 14.86 14.04 -22.79
N PHE A 14 14.90 14.53 -21.54
CA PHE A 14 16.18 14.67 -20.86
C PHE A 14 16.92 13.32 -20.80
N ASN A 15 16.20 12.27 -20.43
CA ASN A 15 16.81 10.94 -20.39
C ASN A 15 17.25 10.51 -21.79
N LEU A 16 16.33 10.59 -22.76
CA LEU A 16 16.60 10.01 -24.08
C LEU A 16 17.77 10.69 -24.76
N PHE A 17 17.84 12.01 -24.66
CA PHE A 17 18.80 12.79 -25.41
C PHE A 17 19.99 13.24 -24.56
N GLU A 18 19.74 13.90 -23.43
CA GLU A 18 20.82 14.46 -22.64
C GLU A 18 21.60 13.41 -21.85
N VAL A 19 20.96 12.31 -21.44
CA VAL A 19 21.61 11.33 -20.58
C VAL A 19 22.10 10.12 -21.37
N PHE A 20 21.24 9.51 -22.17
CA PHE A 20 21.61 8.27 -22.85
C PHE A 20 22.06 8.46 -24.29
N GLY A 21 21.73 9.58 -24.92
CA GLY A 21 22.21 9.84 -26.28
C GLY A 21 21.53 9.03 -27.36
N VAL A 22 20.26 8.66 -27.14
CA VAL A 22 19.52 7.93 -28.17
C VAL A 22 19.40 8.74 -29.45
N ASP A 23 19.42 10.07 -29.35
CA ASP A 23 19.35 10.85 -30.58
C ASP A 23 20.54 10.56 -31.50
N LYS A 24 21.60 9.93 -30.98
CA LYS A 24 22.75 9.57 -31.81
C LYS A 24 22.36 8.60 -32.93
N VAL A 25 21.42 7.67 -32.67
CA VAL A 25 21.02 6.73 -33.73
C VAL A 25 19.88 7.26 -34.57
N LEU A 26 19.22 8.34 -34.16
CA LEU A 26 18.11 8.84 -34.95
C LEU A 26 18.66 9.42 -36.25
N GLY A 27 18.09 8.99 -37.38
CA GLY A 27 18.60 9.37 -38.68
C GLY A 27 19.57 8.40 -39.31
N ALA A 28 19.85 7.26 -38.65
CA ALA A 28 20.84 6.32 -39.14
C ALA A 28 20.24 4.93 -39.24
N ASP A 29 20.61 4.21 -40.30
CA ASP A 29 20.37 2.77 -40.44
C ASP A 29 18.88 2.50 -40.26
N LYS A 30 18.47 1.62 -39.34
CA LYS A 30 17.06 1.29 -39.23
C LYS A 30 16.20 2.52 -38.99
N PHE A 31 16.74 3.50 -38.27
CA PHE A 31 15.97 4.70 -37.94
C PHE A 31 16.29 5.84 -38.90
N SER A 32 16.55 5.49 -40.17
CA SER A 32 17.00 6.48 -41.15
C SER A 32 15.99 7.60 -41.33
N ASP A 33 14.68 7.29 -41.25
CA ASP A 33 13.64 8.25 -41.57
C ASP A 33 13.05 8.94 -40.34
N LEU A 34 13.64 8.75 -39.16
CA LEU A 34 13.12 9.35 -37.93
C LEU A 34 14.21 10.18 -37.29
N ASP A 35 14.01 11.50 -37.23
CA ASP A 35 15.00 12.40 -36.65
C ASP A 35 14.58 12.80 -35.24
N ALA A 36 15.49 13.52 -34.58
CA ALA A 36 15.28 13.87 -33.18
C ALA A 36 14.07 14.79 -33.02
N ASP A 37 13.92 15.79 -33.90
CA ASP A 37 12.76 16.68 -33.80
C ASP A 37 11.46 15.89 -33.94
N THR A 38 11.41 14.94 -34.87
CA THR A 38 10.19 14.18 -35.07
C THR A 38 9.89 13.29 -33.86
N ALA A 39 10.92 12.69 -33.28
CA ALA A 39 10.72 11.90 -32.07
C ALA A 39 10.12 12.77 -30.95
N ARG A 40 10.64 13.98 -30.78
CA ARG A 40 10.13 14.83 -29.73
C ARG A 40 8.69 15.26 -30.01
N GLU A 41 8.37 15.54 -31.28
CA GLU A 41 7.00 15.85 -31.63
C GLU A 41 6.08 14.67 -31.38
N MET A 42 6.57 13.45 -31.60
CA MET A 42 5.77 12.26 -31.35
C MET A 42 5.44 12.11 -29.87
N LEU A 43 6.41 12.36 -28.99
CA LEU A 43 6.19 12.24 -27.56
C LEU A 43 5.19 13.28 -27.09
N THR A 44 5.35 14.52 -27.56
CA THR A 44 4.44 15.59 -27.19
C THR A 44 3.02 15.28 -27.66
N GLU A 45 2.90 14.75 -28.89
CA GLU A 45 1.59 14.43 -29.43
C GLU A 45 0.91 13.31 -28.63
N ILE A 46 1.61 12.22 -28.34
CA ILE A 46 0.92 11.17 -27.60
C ILE A 46 0.68 11.59 -26.14
N ALA A 47 1.55 12.44 -25.59
CA ALA A 47 1.28 12.98 -24.26
C ALA A 47 -0.02 13.76 -24.26
N ARG A 48 -0.27 14.54 -25.33
CA ARG A 48 -1.52 15.29 -25.40
C ARG A 48 -2.69 14.35 -25.63
N LEU A 49 -2.50 13.31 -26.42
CA LEU A 49 -3.54 12.31 -26.58
C LEU A 49 -3.85 11.68 -25.23
N ALA A 50 -2.81 11.30 -24.49
CA ALA A 50 -3.02 10.67 -23.19
C ALA A 50 -3.75 11.62 -22.24
N GLU A 51 -3.28 12.87 -22.14
CA GLU A 51 -3.92 13.81 -21.22
C GLU A 51 -5.35 14.13 -21.66
N GLY A 52 -5.65 14.02 -22.96
CA GLY A 52 -6.96 14.35 -23.48
C GLY A 52 -7.90 13.15 -23.52
N PRO A 53 -8.12 12.59 -24.72
CA PRO A 53 -9.17 11.57 -24.87
C PRO A 53 -8.88 10.26 -24.15
N ILE A 54 -7.62 9.89 -23.92
CA ILE A 54 -7.35 8.63 -23.21
C ILE A 54 -7.72 8.76 -21.74
N ALA A 55 -7.17 9.77 -21.05
CA ALA A 55 -7.49 9.97 -19.65
C ALA A 55 -8.96 10.28 -19.43
N GLU A 56 -9.65 10.78 -20.46
CA GLU A 56 -11.03 11.23 -20.28
C GLU A 56 -11.89 10.14 -19.67
N SER A 57 -11.63 8.88 -19.97
CA SER A 57 -12.45 7.77 -19.50
C SER A 57 -11.81 7.00 -18.36
N PHE A 58 -10.74 7.52 -17.74
CA PHE A 58 -10.08 6.81 -16.63
C PHE A 58 -11.05 6.50 -15.50
N VAL A 59 -11.74 7.54 -15.02
CA VAL A 59 -12.70 7.38 -13.93
C VAL A 59 -13.87 6.50 -14.35
N GLU A 60 -14.45 6.77 -15.54
CA GLU A 60 -15.60 6.02 -16.04
C GLU A 60 -15.32 4.51 -16.08
N GLY A 61 -14.13 4.10 -16.57
CA GLY A 61 -13.83 2.67 -16.65
C GLY A 61 -13.84 2.01 -15.28
N ASP A 62 -13.49 2.77 -14.25
CA ASP A 62 -13.48 2.25 -12.88
C ASP A 62 -14.85 2.27 -12.24
N ARG A 63 -15.61 3.37 -12.41
CA ARG A 63 -16.91 3.50 -11.78
C ARG A 63 -18.01 2.72 -12.49
N ASN A 64 -17.86 2.45 -13.78
CA ASN A 64 -18.88 1.80 -14.60
C ASN A 64 -18.20 0.67 -15.37
N PRO A 65 -17.77 -0.36 -14.66
CA PRO A 65 -16.86 -1.34 -15.23
C PRO A 65 -17.54 -2.29 -16.20
N PRO A 66 -16.75 -3.11 -16.90
CA PRO A 66 -17.30 -4.06 -17.87
C PRO A 66 -18.27 -5.04 -17.23
N VAL A 67 -19.19 -5.53 -18.07
CA VAL A 67 -20.25 -6.45 -17.65
C VAL A 67 -20.16 -7.69 -18.54
N PHE A 68 -20.14 -8.86 -17.91
CA PHE A 68 -20.20 -10.12 -18.67
C PHE A 68 -21.64 -10.44 -19.03
N ASP A 69 -21.86 -10.89 -20.28
CA ASP A 69 -23.19 -11.28 -20.74
C ASP A 69 -23.22 -12.79 -20.94
N PRO A 70 -23.82 -13.55 -20.02
CA PRO A 70 -23.90 -15.01 -20.22
C PRO A 70 -24.80 -15.41 -21.37
N GLU A 71 -25.68 -14.53 -21.85
CA GLU A 71 -26.54 -14.87 -22.99
C GLU A 71 -25.75 -15.00 -24.28
N THR A 72 -24.59 -14.34 -24.36
CA THR A 72 -23.76 -14.37 -25.56
C THR A 72 -22.31 -14.74 -25.29
N HIS A 73 -21.92 -14.90 -24.03
CA HIS A 73 -20.51 -15.16 -23.71
C HIS A 73 -19.62 -14.07 -24.31
N THR A 74 -19.97 -12.84 -24.01
CA THR A 74 -19.18 -11.67 -24.40
C THR A 74 -19.15 -10.68 -23.24
N VAL A 75 -18.32 -9.65 -23.38
CA VAL A 75 -18.13 -8.59 -22.39
C VAL A 75 -18.50 -7.28 -23.06
N THR A 76 -19.21 -6.42 -22.33
CA THR A 76 -19.57 -5.09 -22.79
C THR A 76 -18.72 -4.08 -22.04
N LEU A 77 -18.18 -3.12 -22.75
CA LEU A 77 -17.31 -2.11 -22.14
C LEU A 77 -18.04 -0.78 -22.08
N PRO A 78 -17.72 0.08 -21.11
CA PRO A 78 -18.40 1.38 -21.06
C PRO A 78 -18.08 2.24 -22.28
N GLU A 79 -19.09 2.99 -22.73
CA GLU A 79 -19.00 3.69 -24.01
C GLU A 79 -17.86 4.70 -24.01
N GLY A 80 -17.66 5.41 -22.90
CA GLY A 80 -16.60 6.41 -22.87
C GLY A 80 -15.23 5.80 -23.08
N PHE A 81 -15.00 4.60 -22.56
CA PHE A 81 -13.72 3.94 -22.73
C PHE A 81 -13.52 3.47 -24.16
N LYS A 82 -14.59 3.01 -24.81
CA LYS A 82 -14.44 2.64 -26.22
C LYS A 82 -14.15 3.87 -27.09
N LYS A 83 -14.71 5.03 -26.71
CA LYS A 83 -14.34 6.27 -27.38
C LYS A 83 -12.85 6.58 -27.23
N SER A 84 -12.29 6.36 -26.03
CA SER A 84 -10.84 6.50 -25.83
C SER A 84 -10.07 5.54 -26.71
N MET A 85 -10.50 4.27 -26.75
CA MET A 85 -9.85 3.31 -27.61
C MET A 85 -9.86 3.79 -29.06
N ARG A 86 -11.00 4.31 -29.52
CA ARG A 86 -11.05 4.77 -30.90
C ARG A 86 -10.06 5.90 -31.16
N ALA A 87 -9.87 6.78 -30.16
CA ALA A 87 -8.87 7.83 -30.32
C ALA A 87 -7.48 7.25 -30.48
N LEU A 88 -7.16 6.22 -29.70
CA LEU A 88 -5.88 5.54 -29.84
C LEU A 88 -5.73 4.94 -31.23
N PHE A 89 -6.76 4.22 -31.70
CA PHE A 89 -6.66 3.55 -33.00
C PHE A 89 -6.60 4.56 -34.13
N ASP A 90 -7.49 5.56 -34.10
CA ASP A 90 -7.57 6.55 -35.17
C ASP A 90 -6.25 7.28 -35.36
N GLY A 91 -5.44 7.38 -34.30
CA GLY A 91 -4.14 7.97 -34.47
C GLY A 91 -3.04 7.01 -34.85
N GLY A 92 -3.34 5.71 -35.00
CA GLY A 92 -2.32 4.74 -35.32
C GLY A 92 -1.39 4.39 -34.19
N TRP A 93 -1.78 4.70 -32.95
CA TRP A 93 -0.87 4.47 -31.84
C TRP A 93 -0.73 2.99 -31.49
N ASP A 94 -1.65 2.13 -31.92
CA ASP A 94 -1.45 0.70 -31.68
C ASP A 94 -0.40 0.09 -32.61
N LYS A 95 0.20 0.89 -33.51
CA LYS A 95 1.33 0.45 -34.31
C LYS A 95 2.66 1.01 -33.80
N VAL A 96 2.69 1.49 -32.57
CA VAL A 96 3.92 2.01 -31.98
C VAL A 96 4.96 0.91 -31.93
N GLY A 97 6.09 1.12 -32.60
CA GLY A 97 7.15 0.15 -32.58
C GLY A 97 6.91 -1.10 -33.40
N LEU A 98 5.80 -1.17 -34.12
CA LEU A 98 5.57 -2.26 -35.06
C LEU A 98 6.59 -2.21 -36.18
N ALA A 99 6.97 -3.40 -36.67
CA ALA A 99 7.87 -3.47 -37.82
C ALA A 99 7.26 -2.76 -39.01
N GLU A 100 8.13 -2.22 -39.85
CA GLU A 100 7.67 -1.48 -41.02
C GLU A 100 6.76 -2.34 -41.91
N HIS A 101 7.09 -3.62 -42.10
CA HIS A 101 6.29 -4.43 -43.02
C HIS A 101 4.89 -4.73 -42.50
N LEU A 102 4.64 -4.53 -41.20
CA LEU A 102 3.31 -4.64 -40.64
C LEU A 102 2.63 -3.28 -40.51
N GLY A 103 3.27 -2.22 -40.97
CA GLY A 103 2.68 -0.89 -40.95
C GLY A 103 3.20 0.05 -39.88
N GLY A 104 4.27 -0.32 -39.18
CA GLY A 104 4.79 0.48 -38.09
C GLY A 104 5.75 1.56 -38.57
N ILE A 105 6.20 2.35 -37.60
CA ILE A 105 7.23 3.36 -37.79
C ILE A 105 8.49 2.88 -37.08
N PRO A 106 9.57 2.54 -37.79
CA PRO A 106 10.77 2.04 -37.11
C PRO A 106 11.27 3.08 -36.11
N MET A 107 11.60 2.62 -34.92
CA MET A 107 12.05 3.55 -33.89
C MET A 107 12.78 2.78 -32.82
N PRO A 108 13.65 3.43 -32.06
CA PRO A 108 14.30 2.75 -30.93
C PRO A 108 13.26 2.31 -29.89
N ARG A 109 13.51 1.14 -29.29
CA ARG A 109 12.63 0.68 -28.21
C ARG A 109 12.54 1.72 -27.10
N ALA A 110 13.64 2.40 -26.80
CA ALA A 110 13.63 3.41 -25.75
C ALA A 110 12.63 4.52 -26.06
N LEU A 111 12.52 4.93 -27.32
CA LEU A 111 11.47 5.87 -27.71
C LEU A 111 10.09 5.19 -27.65
N GLN A 112 10.00 3.94 -28.11
CA GLN A 112 8.71 3.27 -28.09
C GLN A 112 8.14 3.23 -26.69
N TRP A 113 8.96 2.84 -25.68
CA TRP A 113 8.44 2.72 -24.32
C TRP A 113 8.14 4.09 -23.71
N ALA A 114 8.88 5.13 -24.11
CA ALA A 114 8.55 6.49 -23.68
C ALA A 114 7.19 6.93 -24.21
N LEU A 115 6.86 6.58 -25.46
CA LEU A 115 5.52 6.87 -25.97
C LEU A 115 4.46 6.12 -25.16
N ILE A 116 4.70 4.83 -24.92
CA ILE A 116 3.73 3.97 -24.24
C ILE A 116 3.50 4.42 -22.80
N GLU A 117 4.53 4.99 -22.15
CA GLU A 117 4.37 5.46 -20.78
C GLU A 117 3.14 6.35 -20.64
N HIS A 118 2.87 7.20 -21.63
CA HIS A 118 1.76 8.12 -21.52
C HIS A 118 0.42 7.40 -21.52
N ILE A 119 0.28 6.38 -22.37
CA ILE A 119 -0.96 5.61 -22.33
C ILE A 119 -1.11 4.92 -20.99
N LEU A 120 -0.02 4.35 -20.48
CA LEU A 120 -0.11 3.61 -19.23
C LEU A 120 -0.38 4.54 -18.05
N GLY A 121 0.09 5.79 -18.12
CA GLY A 121 -0.25 6.71 -17.05
C GLY A 121 -1.68 7.19 -17.11
N ALA A 122 -2.24 7.34 -18.33
CA ALA A 122 -3.55 7.95 -18.49
C ALA A 122 -4.69 6.96 -18.34
N ASN A 123 -4.50 5.72 -18.78
CA ASN A 123 -5.55 4.71 -18.81
C ASN A 123 -4.90 3.40 -19.24
N PRO A 124 -4.15 2.73 -18.35
CA PRO A 124 -3.28 1.63 -18.81
C PRO A 124 -4.01 0.47 -19.47
N ALA A 125 -5.27 0.21 -19.10
CA ALA A 125 -6.00 -0.86 -19.77
C ALA A 125 -6.10 -0.59 -21.26
N ALA A 126 -6.09 0.69 -21.66
CA ALA A 126 -6.19 1.00 -23.08
C ALA A 126 -5.00 0.45 -23.86
N TYR A 127 -3.79 0.50 -23.27
CA TYR A 127 -2.66 -0.10 -23.96
C TYR A 127 -2.82 -1.61 -24.02
N MET A 128 -3.32 -2.21 -22.95
CA MET A 128 -3.51 -3.66 -22.93
C MET A 128 -4.46 -4.13 -24.03
N TYR A 129 -5.59 -3.45 -24.22
CA TYR A 129 -6.47 -3.81 -25.32
C TYR A 129 -5.84 -3.53 -26.70
N ALA A 130 -4.87 -2.62 -26.78
CA ALA A 130 -4.26 -2.25 -28.05
C ALA A 130 -3.02 -3.06 -28.37
N MET A 131 -2.68 -4.07 -27.57
CA MET A 131 -1.45 -4.83 -27.81
C MET A 131 -1.60 -5.87 -28.93
N GLY A 132 -2.73 -5.89 -29.64
CA GLY A 132 -2.98 -6.92 -30.65
C GLY A 132 -1.95 -6.95 -31.77
N PRO A 133 -1.78 -5.83 -32.47
CA PRO A 133 -0.77 -5.78 -33.55
C PRO A 133 0.63 -6.14 -33.08
N GLY A 134 1.03 -5.68 -31.89
CA GLY A 134 2.31 -6.10 -31.34
C GLY A 134 2.40 -7.59 -31.11
N MET A 135 1.32 -8.20 -30.66
CA MET A 135 1.36 -9.66 -30.50
C MET A 135 1.28 -10.36 -31.85
N SER A 136 0.59 -9.77 -32.82
CA SER A 136 0.64 -10.34 -34.16
C SER A 136 2.05 -10.32 -34.72
N GLU A 137 2.86 -9.30 -34.36
CA GLU A 137 4.25 -9.30 -34.80
C GLU A 137 5.03 -10.46 -34.20
N ILE A 138 4.79 -10.73 -32.92
CA ILE A 138 5.43 -11.87 -32.27
C ILE A 138 5.02 -13.17 -32.95
N PHE A 139 3.74 -13.29 -33.31
CA PHE A 139 3.28 -14.49 -34.02
C PHE A 139 3.95 -14.61 -35.38
N TYR A 140 4.04 -13.49 -36.11
CA TYR A 140 4.82 -13.42 -37.35
C TYR A 140 6.25 -13.94 -37.18
N ASN A 141 6.97 -13.44 -36.17
CA ASN A 141 8.37 -13.82 -35.99
C ASN A 141 8.51 -15.32 -35.74
N ASN A 142 7.57 -15.91 -35.02
CA ASN A 142 7.64 -17.32 -34.67
C ASN A 142 6.90 -18.22 -35.65
N GLY A 143 6.19 -17.67 -36.62
CA GLY A 143 5.30 -18.46 -37.45
C GLY A 143 5.97 -19.02 -38.71
N THR A 144 5.27 -19.95 -39.36
CA THR A 144 5.71 -20.41 -40.66
C THR A 144 5.48 -19.31 -41.69
N ASP A 145 5.90 -19.57 -42.94
CA ASP A 145 5.67 -18.59 -43.98
C ASP A 145 4.18 -18.40 -44.21
N GLU A 146 3.42 -19.49 -44.14
CA GLU A 146 1.96 -19.39 -44.26
C GLU A 146 1.38 -18.60 -43.11
N GLN A 147 1.84 -18.88 -41.89
CA GLN A 147 1.34 -18.19 -40.71
C GLN A 147 1.72 -16.71 -40.71
N LYS A 148 2.88 -16.37 -41.28
CA LYS A 148 3.27 -14.97 -41.41
C LYS A 148 2.26 -14.20 -42.25
N LYS A 149 1.61 -14.88 -43.21
CA LYS A 149 0.53 -14.24 -43.95
C LYS A 149 -0.66 -13.94 -43.05
N TRP A 150 -1.00 -14.85 -42.14
CA TRP A 150 -2.14 -14.56 -41.26
C TRP A 150 -1.79 -13.43 -40.30
N ALA A 151 -0.58 -13.46 -39.76
CA ALA A 151 -0.16 -12.41 -38.82
C ALA A 151 -0.20 -11.04 -39.47
N THR A 152 0.16 -10.97 -40.76
CA THR A 152 0.11 -9.70 -41.48
C THR A 152 -1.32 -9.19 -41.57
N ILE A 153 -2.25 -10.08 -41.92
CA ILE A 153 -3.67 -9.75 -41.95
C ILE A 153 -4.13 -9.27 -40.57
N ALA A 154 -3.75 -10.01 -39.52
CA ALA A 154 -4.17 -9.66 -38.17
C ALA A 154 -3.69 -8.26 -37.78
N ALA A 155 -2.43 -7.94 -38.10
CA ALA A 155 -1.90 -6.61 -37.80
C ALA A 155 -2.63 -5.55 -38.60
N GLU A 156 -2.82 -5.77 -39.90
CA GLU A 156 -3.41 -4.74 -40.74
C GLU A 156 -4.84 -4.46 -40.34
N ARG A 157 -5.59 -5.50 -39.94
CA ARG A 157 -6.97 -5.35 -39.50
C ARG A 157 -7.08 -4.91 -38.03
N GLY A 158 -5.96 -4.87 -37.31
CA GLY A 158 -6.02 -4.41 -35.93
C GLY A 158 -6.75 -5.34 -34.98
N TRP A 159 -6.70 -6.65 -35.23
CA TRP A 159 -7.31 -7.60 -34.32
C TRP A 159 -6.71 -7.46 -32.94
N GLY A 160 -7.51 -7.77 -31.91
CA GLY A 160 -7.00 -7.87 -30.56
C GLY A 160 -6.23 -9.17 -30.39
N ALA A 161 -5.62 -9.31 -29.22
CA ALA A 161 -4.81 -10.49 -28.92
C ALA A 161 -4.77 -10.72 -27.42
N THR A 162 -4.58 -11.97 -27.05
CA THR A 162 -4.44 -12.40 -25.66
C THR A 162 -3.23 -13.31 -25.55
N MET A 163 -2.73 -13.44 -24.33
CA MET A 163 -1.74 -14.44 -24.01
C MET A 163 -2.36 -15.35 -22.96
N VAL A 164 -2.38 -16.65 -23.24
CA VAL A 164 -3.28 -17.55 -22.54
C VAL A 164 -2.43 -18.67 -21.95
N LEU A 165 -2.03 -18.51 -20.69
CA LEU A 165 -1.20 -19.49 -19.98
C LEU A 165 -1.88 -20.04 -18.73
N THR A 166 -2.37 -19.15 -17.89
CA THR A 166 -2.73 -19.47 -16.54
C THR A 166 -3.98 -20.35 -16.49
N GLU A 167 -3.99 -21.28 -15.54
CA GLU A 167 -5.13 -22.12 -15.21
C GLU A 167 -5.34 -22.04 -13.71
N PRO A 168 -6.49 -22.53 -13.22
CA PRO A 168 -6.74 -22.45 -11.77
C PRO A 168 -5.63 -23.04 -10.91
N ASP A 169 -5.00 -24.14 -11.36
CA ASP A 169 -3.92 -24.80 -10.63
C ASP A 169 -2.55 -24.53 -11.22
N ALA A 170 -2.44 -23.57 -12.15
CA ALA A 170 -1.15 -23.34 -12.82
C ALA A 170 -0.99 -21.84 -13.05
N GLY A 171 -0.39 -21.16 -12.09
CA GLY A 171 -0.11 -19.74 -12.23
C GLY A 171 1.37 -19.48 -12.27
N SER A 172 2.03 -19.41 -11.12
CA SER A 172 3.49 -19.34 -11.15
C SER A 172 4.09 -20.58 -11.80
N ASP A 173 3.48 -21.75 -11.55
CA ASP A 173 3.99 -23.02 -12.09
C ASP A 173 3.30 -23.30 -13.41
N VAL A 174 3.73 -22.55 -14.44
CA VAL A 174 3.10 -22.69 -15.77
C VAL A 174 3.15 -24.13 -16.24
N GLY A 175 4.25 -24.82 -15.96
CA GLY A 175 4.43 -26.19 -16.42
C GLY A 175 3.40 -27.17 -15.88
N ALA A 176 2.63 -26.78 -14.86
CA ALA A 176 1.59 -27.68 -14.35
C ALA A 176 0.31 -27.63 -15.17
N GLY A 177 0.26 -26.81 -16.22
CA GLY A 177 -0.96 -26.69 -16.99
C GLY A 177 -1.41 -28.02 -17.57
N ARG A 178 -2.73 -28.19 -17.67
CA ARG A 178 -3.35 -29.42 -18.13
C ARG A 178 -4.22 -29.23 -19.37
N THR A 179 -4.41 -28.01 -19.85
CA THR A 179 -5.07 -27.82 -21.12
C THR A 179 -4.39 -28.68 -22.19
N LYS A 180 -5.20 -29.41 -22.96
CA LYS A 180 -4.71 -30.46 -23.85
C LYS A 180 -4.83 -30.01 -25.31
N ALA A 181 -3.95 -30.52 -26.18
CA ALA A 181 -4.02 -30.28 -27.62
C ALA A 181 -4.06 -31.64 -28.33
N VAL A 182 -5.06 -31.83 -29.18
CA VAL A 182 -5.25 -33.08 -29.95
C VAL A 182 -5.13 -32.76 -31.44
N GLN A 183 -4.10 -33.32 -32.09
CA GLN A 183 -3.91 -33.08 -33.51
C GLN A 183 -5.05 -33.72 -34.31
N GLN A 184 -5.53 -33.00 -35.30
CA GLN A 184 -6.57 -33.52 -36.17
C GLN A 184 -5.96 -34.04 -37.47
N PRO A 185 -6.68 -34.86 -38.21
CA PRO A 185 -6.12 -35.38 -39.47
C PRO A 185 -5.59 -34.29 -40.39
N ASP A 186 -6.21 -33.09 -40.42
CA ASP A 186 -5.80 -32.06 -41.35
C ASP A 186 -4.62 -31.22 -40.85
N GLY A 187 -4.00 -31.59 -39.72
CA GLY A 187 -2.87 -30.84 -39.22
C GLY A 187 -3.22 -29.75 -38.21
N THR A 188 -4.48 -29.36 -38.09
CA THR A 188 -4.87 -28.45 -37.02
C THR A 188 -4.99 -29.23 -35.70
N TRP A 189 -5.25 -28.49 -34.61
CA TRP A 189 -5.36 -29.09 -33.29
C TRP A 189 -6.66 -28.63 -32.67
N HIS A 190 -7.24 -29.48 -31.83
CA HIS A 190 -8.39 -29.11 -31.01
C HIS A 190 -7.89 -28.90 -29.59
N ILE A 191 -8.14 -27.72 -29.04
CA ILE A 191 -7.63 -27.36 -27.74
C ILE A 191 -8.74 -27.55 -26.72
N GLU A 192 -8.42 -28.18 -25.59
CA GLU A 192 -9.44 -28.47 -24.60
C GLU A 192 -8.92 -28.11 -23.22
N GLY A 193 -9.61 -27.19 -22.56
CA GLY A 193 -9.21 -26.82 -21.23
C GLY A 193 -9.88 -25.52 -20.81
N VAL A 194 -9.62 -25.17 -19.56
CA VAL A 194 -10.12 -23.93 -18.96
C VAL A 194 -8.93 -23.12 -18.50
N LYS A 195 -8.88 -21.86 -18.91
CA LYS A 195 -7.81 -20.96 -18.51
C LYS A 195 -8.44 -19.85 -17.67
N ARG A 196 -7.62 -19.22 -16.83
CA ARG A 196 -8.10 -18.29 -15.81
C ARG A 196 -7.30 -17.00 -15.87
N PHE A 197 -7.99 -15.88 -15.59
CA PHE A 197 -7.34 -14.58 -15.45
C PHE A 197 -6.82 -14.06 -16.79
N ILE A 198 -7.55 -14.27 -17.88
CA ILE A 198 -7.03 -13.89 -19.19
C ILE A 198 -7.45 -12.46 -19.49
N THR A 199 -6.47 -11.58 -19.58
CA THR A 199 -6.67 -10.18 -19.90
C THR A 199 -7.14 -10.01 -21.34
N SER A 200 -8.21 -9.23 -21.52
CA SER A 200 -8.78 -8.88 -22.83
C SER A 200 -9.40 -10.07 -23.55
N ALA A 201 -9.85 -11.10 -22.82
CA ALA A 201 -10.29 -12.33 -23.49
C ALA A 201 -11.54 -12.09 -24.34
N ASP A 202 -12.34 -11.10 -23.96
CA ASP A 202 -13.30 -10.52 -24.88
C ASP A 202 -13.23 -9.01 -24.72
N SER A 203 -13.59 -8.31 -25.77
CA SER A 203 -13.37 -6.86 -25.80
C SER A 203 -14.54 -6.18 -26.50
N ASP A 204 -15.75 -6.70 -26.32
CA ASP A 204 -16.97 -6.04 -26.82
C ASP A 204 -16.84 -5.93 -28.34
N ASP A 205 -17.16 -4.77 -28.95
CA ASP A 205 -17.02 -4.61 -30.38
C ASP A 205 -15.81 -3.77 -30.79
N LEU A 206 -14.76 -3.74 -29.96
CA LEU A 206 -13.56 -2.96 -30.31
C LEU A 206 -12.91 -3.47 -31.59
N PHE A 207 -12.92 -4.79 -31.80
CA PHE A 207 -12.21 -5.47 -32.88
C PHE A 207 -13.13 -6.45 -33.59
N GLU A 208 -12.76 -6.84 -34.82
CA GLU A 208 -13.52 -7.86 -35.55
C GLU A 208 -13.06 -9.27 -35.22
N ASN A 209 -11.92 -9.43 -34.57
CA ASN A 209 -11.40 -10.74 -34.19
C ASN A 209 -10.41 -10.56 -33.06
N ILE A 210 -10.08 -11.68 -32.42
CA ILE A 210 -9.09 -11.72 -31.36
C ILE A 210 -8.21 -12.93 -31.63
N MET A 211 -6.91 -12.75 -31.57
CA MET A 211 -5.95 -13.85 -31.64
C MET A 211 -5.60 -14.27 -30.23
N HIS A 212 -6.02 -15.46 -29.83
CA HIS A 212 -5.56 -16.03 -28.56
C HIS A 212 -4.29 -16.84 -28.83
N LEU A 213 -3.23 -16.55 -28.10
CA LEU A 213 -2.01 -17.36 -28.17
C LEU A 213 -2.02 -18.25 -26.93
N VAL A 214 -2.29 -19.54 -27.13
CA VAL A 214 -2.68 -20.45 -26.04
C VAL A 214 -1.58 -21.48 -25.83
N LEU A 215 -1.13 -21.61 -24.60
CA LEU A 215 -0.26 -22.72 -24.23
C LEU A 215 -1.11 -23.96 -23.93
N ALA A 216 -0.73 -25.11 -24.50
CA ALA A 216 -1.44 -26.35 -24.23
C ALA A 216 -0.49 -27.52 -24.43
N ARG A 217 -0.85 -28.66 -23.84
CA ARG A 217 0.05 -29.81 -23.84
C ARG A 217 -0.43 -30.81 -24.89
N PRO A 218 0.31 -31.02 -25.99
CA PRO A 218 -0.08 -32.05 -26.94
C PRO A 218 -0.20 -33.41 -26.25
N GLU A 219 -1.22 -34.17 -26.67
CA GLU A 219 -1.36 -35.55 -26.22
C GLU A 219 -0.03 -36.27 -26.37
N GLY A 220 0.40 -36.93 -25.29
CA GLY A 220 1.63 -37.70 -25.31
C GLY A 220 2.89 -36.90 -25.05
N ALA A 221 2.79 -35.58 -24.90
CA ALA A 221 3.98 -34.78 -24.62
C ALA A 221 4.41 -34.96 -23.17
N GLY A 222 5.66 -34.60 -22.89
CA GLY A 222 6.20 -34.76 -21.57
C GLY A 222 5.63 -33.74 -20.60
N PRO A 223 6.07 -33.80 -19.34
CA PRO A 223 5.57 -32.90 -18.29
C PRO A 223 6.29 -31.55 -18.30
N GLY A 224 5.83 -30.65 -17.41
CA GLY A 224 6.51 -29.38 -17.23
C GLY A 224 6.31 -28.40 -18.38
N THR A 225 7.03 -27.28 -18.28
CA THR A 225 6.95 -26.30 -19.36
C THR A 225 7.57 -26.81 -20.65
N LYS A 226 8.57 -27.69 -20.56
CA LYS A 226 9.17 -28.19 -21.80
C LYS A 226 8.20 -29.01 -22.64
N GLY A 227 7.17 -29.61 -22.04
CA GLY A 227 6.15 -30.30 -22.80
C GLY A 227 5.06 -29.44 -23.40
N LEU A 228 5.11 -28.12 -23.22
CA LEU A 228 4.06 -27.24 -23.72
C LEU A 228 4.36 -26.78 -25.15
N SER A 229 3.30 -26.63 -25.92
CA SER A 229 3.34 -25.98 -27.22
C SER A 229 2.41 -24.78 -27.23
N LEU A 230 2.64 -23.90 -28.21
CA LEU A 230 1.91 -22.66 -28.37
C LEU A 230 1.02 -22.74 -29.59
N PHE A 231 -0.24 -22.30 -29.45
CA PHE A 231 -1.22 -22.42 -30.51
C PHE A 231 -1.87 -21.09 -30.81
N PHE A 232 -2.04 -20.85 -32.11
CA PHE A 232 -2.80 -19.72 -32.61
C PHE A 232 -4.28 -20.10 -32.63
N VAL A 233 -5.07 -19.47 -31.76
CA VAL A 233 -6.48 -19.82 -31.61
C VAL A 233 -7.34 -18.58 -31.79
N PRO A 234 -7.93 -18.34 -32.96
CA PRO A 234 -8.72 -17.12 -33.15
C PRO A 234 -10.12 -17.26 -32.61
N LYS A 235 -10.68 -16.14 -32.18
CA LYS A 235 -12.07 -16.10 -31.77
C LYS A 235 -12.99 -16.50 -32.91
N PHE A 236 -12.72 -16.01 -34.12
CA PHE A 236 -13.48 -16.35 -35.32
C PHE A 236 -12.53 -17.00 -36.31
N HIS A 237 -12.99 -18.09 -36.94
CA HIS A 237 -12.30 -18.60 -38.13
C HIS A 237 -12.28 -17.51 -39.19
N PHE A 238 -11.31 -17.58 -40.11
CA PHE A 238 -11.24 -16.56 -41.14
C PHE A 238 -10.58 -17.14 -42.37
N ASP A 239 -10.79 -16.46 -43.50
CA ASP A 239 -10.16 -16.85 -44.76
C ASP A 239 -8.68 -16.53 -44.71
N HIS A 240 -7.84 -17.57 -44.71
CA HIS A 240 -6.40 -17.38 -44.57
C HIS A 240 -5.78 -16.57 -45.71
N GLU A 241 -6.51 -16.30 -46.79
CA GLU A 241 -5.97 -15.44 -47.82
C GLU A 241 -6.50 -14.01 -47.73
N THR A 242 -7.81 -13.84 -47.69
CA THR A 242 -8.44 -12.53 -47.71
C THR A 242 -8.65 -11.93 -46.33
N GLY A 243 -8.60 -12.72 -45.27
CA GLY A 243 -8.92 -12.21 -43.96
C GLY A 243 -10.41 -12.18 -43.62
N GLU A 244 -11.28 -12.60 -44.54
CA GLU A 244 -12.72 -12.50 -44.29
C GLU A 244 -13.11 -13.31 -43.05
N ILE A 245 -13.89 -12.68 -42.16
CA ILE A 245 -14.25 -13.34 -40.91
C ILE A 245 -15.29 -14.42 -41.19
N GLY A 246 -15.08 -15.61 -40.63
CA GLY A 246 -15.98 -16.72 -40.83
C GLY A 246 -16.69 -17.14 -39.55
N GLU A 247 -16.83 -18.45 -39.35
CA GLU A 247 -17.63 -18.97 -38.24
C GLU A 247 -16.91 -18.83 -36.90
N ARG A 248 -17.71 -18.76 -35.84
CA ARG A 248 -17.17 -18.70 -34.49
C ARG A 248 -16.33 -19.94 -34.19
N ASN A 249 -15.19 -19.73 -33.54
CA ASN A 249 -14.32 -20.78 -33.04
C ASN A 249 -14.66 -21.04 -31.57
N GLY A 250 -14.38 -22.27 -31.12
CA GLY A 250 -14.90 -22.75 -29.83
C GLY A 250 -14.14 -22.28 -28.60
N VAL A 251 -13.95 -20.98 -28.47
CA VAL A 251 -13.16 -20.41 -27.38
C VAL A 251 -13.99 -19.28 -26.79
N PHE A 252 -14.49 -19.46 -25.55
CA PHE A 252 -15.51 -18.58 -24.99
C PHE A 252 -15.13 -18.13 -23.59
N VAL A 253 -15.30 -16.83 -23.31
CA VAL A 253 -15.19 -16.36 -21.93
C VAL A 253 -16.43 -16.80 -21.16
N THR A 254 -16.24 -17.12 -19.86
CA THR A 254 -17.33 -17.64 -19.04
C THR A 254 -17.59 -16.80 -17.80
N ASN A 255 -16.85 -15.72 -17.62
CA ASN A 255 -16.93 -15.00 -16.36
C ASN A 255 -16.00 -13.80 -16.52
N VAL A 256 -16.25 -12.73 -15.78
CA VAL A 256 -15.33 -11.60 -15.75
C VAL A 256 -15.06 -11.31 -14.29
N GLU A 257 -13.79 -11.20 -13.92
CA GLU A 257 -13.46 -11.08 -12.50
C GLU A 257 -13.79 -9.69 -11.98
N HIS A 258 -14.14 -9.63 -10.70
CA HIS A 258 -14.38 -8.39 -9.97
C HIS A 258 -13.10 -8.08 -9.20
N LYS A 259 -12.38 -7.03 -9.59
CA LYS A 259 -11.02 -6.78 -9.13
C LYS A 259 -10.93 -5.51 -8.30
N MET A 260 -9.85 -5.43 -7.53
CA MET A 260 -9.59 -4.25 -6.71
C MET A 260 -9.50 -3.00 -7.58
N GLY A 261 -8.87 -3.13 -8.75
CA GLY A 261 -8.62 -2.00 -9.63
C GLY A 261 -8.41 -2.52 -11.02
N LEU A 262 -7.86 -1.68 -11.89
CA LEU A 262 -7.77 -2.00 -13.33
C LEU A 262 -9.07 -2.62 -13.81
N LYS A 263 -10.19 -2.06 -13.34
CA LYS A 263 -11.49 -2.69 -13.54
C LYS A 263 -11.88 -2.73 -15.01
N VAL A 264 -11.46 -1.74 -15.80
CA VAL A 264 -11.93 -1.70 -17.19
C VAL A 264 -11.20 -2.68 -18.08
N SER A 265 -10.15 -3.32 -17.57
CA SER A 265 -9.50 -4.43 -18.26
C SER A 265 -10.27 -5.72 -17.93
N ALA A 266 -11.00 -6.24 -18.90
CA ALA A 266 -11.77 -7.46 -18.69
C ALA A 266 -10.81 -8.62 -18.48
N THR A 267 -10.92 -9.24 -17.31
CA THR A 267 -10.06 -10.35 -16.89
C THR A 267 -10.94 -11.60 -16.78
N CYS A 268 -10.71 -12.59 -17.64
CA CYS A 268 -11.76 -13.55 -17.97
C CYS A 268 -11.35 -14.99 -17.79
N GLU A 269 -12.26 -15.80 -17.24
CA GLU A 269 -12.08 -17.24 -17.43
C GLU A 269 -12.38 -17.55 -18.89
N LEU A 270 -11.53 -18.37 -19.50
CA LEU A 270 -11.60 -18.61 -20.93
C LEU A 270 -11.67 -20.12 -21.15
N SER A 271 -12.78 -20.59 -21.72
CA SER A 271 -12.98 -22.03 -21.91
C SER A 271 -12.72 -22.39 -23.38
N LEU A 272 -11.95 -23.46 -23.58
CA LEU A 272 -11.58 -23.90 -24.91
C LEU A 272 -12.22 -25.26 -25.15
N GLY A 273 -13.10 -25.33 -26.15
CA GLY A 273 -13.70 -26.61 -26.52
C GLY A 273 -14.59 -27.21 -25.45
N GLN A 274 -15.24 -26.37 -24.65
CA GLN A 274 -16.14 -26.81 -23.61
C GLN A 274 -17.59 -26.45 -23.88
N HIS A 275 -17.90 -25.80 -25.01
CA HIS A 275 -19.25 -25.35 -25.29
C HIS A 275 -19.85 -26.00 -26.53
N GLY A 276 -19.35 -27.14 -26.97
CA GLY A 276 -19.98 -27.87 -28.04
C GLY A 276 -19.39 -27.68 -29.42
N ILE A 277 -18.48 -26.72 -29.62
CA ILE A 277 -17.71 -26.66 -30.86
C ILE A 277 -16.23 -26.69 -30.50
N PRO A 278 -15.38 -27.24 -31.36
CA PRO A 278 -13.96 -27.30 -31.02
C PRO A 278 -13.29 -25.94 -31.05
N ALA A 279 -12.29 -25.79 -30.18
CA ALA A 279 -11.35 -24.67 -30.26
C ALA A 279 -10.20 -25.13 -31.17
N VAL A 280 -10.27 -24.72 -32.44
CA VAL A 280 -9.25 -25.10 -33.41
C VAL A 280 -8.03 -24.20 -33.21
N GLY A 281 -6.88 -24.82 -33.04
CA GLY A 281 -5.63 -24.09 -32.93
C GLY A 281 -4.63 -24.58 -33.96
N TRP A 282 -3.72 -23.68 -34.32
CA TRP A 282 -2.65 -23.94 -35.27
C TRP A 282 -1.32 -23.86 -34.51
N LEU A 283 -0.54 -24.92 -34.61
CA LEU A 283 0.76 -24.96 -33.94
C LEU A 283 1.68 -23.84 -34.47
N VAL A 284 2.12 -22.95 -33.57
CA VAL A 284 2.92 -21.79 -33.98
C VAL A 284 4.27 -22.25 -34.50
N GLY A 285 4.64 -21.79 -35.69
CA GLY A 285 5.87 -22.26 -36.28
C GLY A 285 5.85 -23.71 -36.68
N GLU A 286 4.74 -24.42 -36.47
CA GLU A 286 4.63 -25.85 -36.70
C GLU A 286 5.75 -26.62 -36.02
N VAL A 287 6.18 -26.12 -34.87
CA VAL A 287 7.16 -26.81 -34.02
C VAL A 287 6.64 -26.77 -32.58
N HIS A 288 7.12 -27.73 -31.79
CA HIS A 288 6.75 -27.89 -30.37
C HIS A 288 7.82 -27.19 -29.56
N ASN A 289 7.56 -25.92 -29.22
CA ASN A 289 8.55 -25.09 -28.55
C ASN A 289 7.85 -24.00 -27.76
N GLY A 290 6.83 -24.38 -26.98
CA GLY A 290 5.82 -23.42 -26.54
C GLY A 290 6.33 -22.43 -25.50
N ILE A 291 7.01 -22.92 -24.46
CA ILE A 291 7.39 -21.97 -23.41
C ILE A 291 8.41 -20.98 -23.94
N ALA A 292 9.32 -21.42 -24.83
CA ALA A 292 10.27 -20.47 -25.38
C ALA A 292 9.58 -19.44 -26.26
N GLN A 293 8.63 -19.87 -27.10
CA GLN A 293 7.88 -18.94 -27.93
C GLN A 293 7.07 -17.98 -27.06
N MET A 294 6.37 -18.51 -26.06
CA MET A 294 5.55 -17.66 -25.22
C MET A 294 6.38 -16.64 -24.44
N PHE A 295 7.64 -16.96 -24.10
CA PHE A 295 8.43 -15.98 -23.37
C PHE A 295 8.76 -14.75 -24.21
N ASP A 296 8.69 -14.85 -25.55
CA ASP A 296 8.73 -13.62 -26.33
C ASP A 296 7.61 -12.67 -25.90
N VAL A 297 6.42 -13.23 -25.64
CA VAL A 297 5.30 -12.40 -25.16
C VAL A 297 5.51 -11.99 -23.71
N ILE A 298 5.93 -12.93 -22.85
CA ILE A 298 6.08 -12.62 -21.43
C ILE A 298 7.11 -11.50 -21.22
N GLU A 299 8.22 -11.53 -21.97
CA GLU A 299 9.23 -10.49 -21.83
C GLU A 299 8.62 -9.11 -22.05
N GLN A 300 7.80 -8.98 -23.08
CA GLN A 300 7.15 -7.70 -23.37
C GLN A 300 6.13 -7.36 -22.29
N ALA A 301 5.33 -8.34 -21.86
CA ALA A 301 4.39 -8.08 -20.77
C ALA A 301 5.10 -7.56 -19.54
N ARG A 302 6.27 -8.14 -19.23
CA ARG A 302 6.98 -7.74 -18.02
C ARG A 302 7.53 -6.33 -18.16
N MET A 303 8.05 -5.98 -19.35
CA MET A 303 8.45 -4.60 -19.59
C MET A 303 7.26 -3.65 -19.43
N MET A 304 6.11 -4.03 -20.00
CA MET A 304 4.94 -3.16 -19.91
C MET A 304 4.51 -2.95 -18.47
N VAL A 305 4.45 -4.05 -17.70
CA VAL A 305 3.95 -3.97 -16.33
C VAL A 305 4.80 -3.04 -15.50
N GLY A 306 6.13 -3.19 -15.59
CA GLY A 306 7.01 -2.30 -14.85
C GLY A 306 6.89 -0.85 -15.31
N THR A 307 6.82 -0.64 -16.63
CA THR A 307 6.64 0.72 -17.14
C THR A 307 5.30 1.31 -16.70
N LYS A 308 4.26 0.48 -16.64
CA LYS A 308 2.95 0.93 -16.16
C LYS A 308 3.05 1.43 -14.73
N ALA A 309 3.68 0.64 -13.87
CA ALA A 309 3.81 1.02 -12.46
C ALA A 309 4.54 2.35 -12.34
N ILE A 310 5.63 2.51 -13.11
CA ILE A 310 6.42 3.74 -13.07
C ILE A 310 5.61 4.92 -13.62
N ALA A 311 4.88 4.70 -14.72
CA ALA A 311 4.01 5.76 -15.25
C ALA A 311 3.00 6.21 -14.21
N THR A 312 2.43 5.27 -13.46
CA THR A 312 1.40 5.60 -12.50
C THR A 312 1.99 6.35 -11.31
N LEU A 313 3.16 5.93 -10.82
CA LEU A 313 3.80 6.72 -9.76
C LEU A 313 4.08 8.14 -10.23
N SER A 314 4.53 8.30 -11.47
CA SER A 314 4.87 9.62 -11.94
C SER A 314 3.65 10.53 -11.90
N THR A 315 2.51 10.09 -12.46
CA THR A 315 1.35 10.99 -12.40
C THR A 315 0.79 11.11 -10.99
N GLY A 316 0.96 10.09 -10.15
CA GLY A 316 0.62 10.25 -8.75
C GLY A 316 1.42 11.34 -8.06
N TYR A 317 2.75 11.33 -8.25
CA TYR A 317 3.62 12.37 -7.70
C TYR A 317 3.24 13.75 -8.20
N LEU A 318 3.04 13.90 -9.51
CA LEU A 318 2.77 15.24 -10.04
C LEU A 318 1.41 15.75 -9.56
N ASN A 319 0.42 14.88 -9.40
CA ASN A 319 -0.82 15.29 -8.76
C ASN A 319 -0.57 15.73 -7.32
N ALA A 320 0.17 14.94 -6.55
CA ALA A 320 0.45 15.33 -5.17
C ALA A 320 1.19 16.66 -5.11
N LEU A 321 2.17 16.85 -5.99
CA LEU A 321 2.95 18.09 -5.99
C LEU A 321 2.05 19.30 -6.27
N GLU A 322 1.21 19.19 -7.30
CA GLU A 322 0.31 20.29 -7.63
C GLU A 322 -0.60 20.64 -6.46
N TYR A 323 -1.13 19.62 -5.79
CA TYR A 323 -1.97 19.84 -4.61
C TYR A 323 -1.20 20.53 -3.50
N ALA A 324 0.01 20.04 -3.20
CA ALA A 324 0.79 20.61 -2.10
C ALA A 324 1.12 22.08 -2.35
N LYS A 325 1.37 22.44 -3.61
CA LYS A 325 1.75 23.82 -3.90
C LYS A 325 0.63 24.80 -3.54
N GLU A 326 -0.62 24.34 -3.51
CA GLU A 326 -1.74 25.23 -3.31
C GLU A 326 -2.39 25.09 -1.94
N ARG A 327 -2.14 23.99 -1.23
CA ARG A 327 -2.81 23.73 0.05
C ARG A 327 -2.15 24.55 1.14
N VAL A 328 -2.90 25.49 1.71
CA VAL A 328 -2.44 26.25 2.87
C VAL A 328 -2.83 25.50 4.13
N GLN A 329 -1.84 25.24 4.99
CA GLN A 329 -2.14 24.60 6.26
C GLN A 329 -0.98 24.70 7.25
N GLY A 330 -1.20 25.40 8.36
CA GLY A 330 -0.25 25.48 9.45
C GLY A 330 0.72 26.63 9.27
N ALA A 331 1.55 26.83 10.27
CA ALA A 331 2.57 27.86 10.17
C ALA A 331 3.91 27.21 9.80
N ASP A 332 4.85 28.04 9.37
CA ASP A 332 6.20 27.53 9.17
C ASP A 332 6.74 26.96 10.46
N MET A 333 7.50 25.85 10.34
CA MET A 333 8.01 25.21 11.52
C MET A 333 8.92 26.14 12.33
N THR A 334 9.58 27.10 11.67
CA THR A 334 10.38 28.05 12.45
C THR A 334 9.53 29.01 13.27
N GLN A 335 8.20 28.95 13.16
CA GLN A 335 7.33 29.83 13.92
C GLN A 335 6.27 29.04 14.66
N MET A 336 6.53 27.77 14.94
CA MET A 336 5.45 26.89 15.39
C MET A 336 4.92 27.24 16.77
N THR A 337 5.67 27.99 17.57
CA THR A 337 5.16 28.39 18.88
C THR A 337 4.38 29.70 18.84
N ASP A 338 4.41 30.43 17.72
CA ASP A 338 3.65 31.66 17.55
C ASP A 338 2.31 31.30 16.89
N LYS A 339 1.24 31.32 17.66
CA LYS A 339 -0.04 30.87 17.12
C LYS A 339 -0.70 31.90 16.21
N THR A 340 -0.11 33.10 16.05
CA THR A 340 -0.55 34.09 15.08
C THR A 340 0.37 34.19 13.87
N ALA A 341 1.36 33.29 13.73
CA ALA A 341 2.24 33.34 12.58
C ALA A 341 1.46 33.16 11.28
N PRO A 342 1.99 33.65 10.17
CA PRO A 342 1.29 33.49 8.88
C PRO A 342 1.14 32.02 8.53
N ARG A 343 0.00 31.66 7.96
CA ARG A 343 -0.17 30.30 7.44
C ARG A 343 0.64 30.13 6.16
N VAL A 344 1.13 28.91 5.91
CA VAL A 344 1.96 28.65 4.72
C VAL A 344 1.38 27.49 3.92
N THR A 345 1.78 27.43 2.65
CA THR A 345 1.46 26.24 1.86
C THR A 345 2.29 25.06 2.36
N ILE A 346 1.77 23.84 2.16
CA ILE A 346 2.37 22.69 2.85
C ILE A 346 3.70 22.26 2.27
N THR A 347 4.06 22.75 1.08
CA THR A 347 5.42 22.49 0.63
C THR A 347 6.45 23.12 1.55
N HIS A 348 6.04 24.00 2.47
CA HIS A 348 7.01 24.57 3.40
C HIS A 348 7.32 23.63 4.56
N HIS A 349 6.55 22.55 4.73
CA HIS A 349 6.71 21.66 5.88
C HIS A 349 7.75 20.59 5.57
N PRO A 350 8.73 20.37 6.47
CA PRO A 350 9.77 19.36 6.20
C PRO A 350 9.21 18.00 5.87
N ASP A 351 8.21 17.49 6.59
CA ASP A 351 7.79 16.12 6.25
C ASP A 351 7.20 16.07 4.84
N VAL A 352 6.54 17.15 4.40
CA VAL A 352 5.97 17.19 3.06
C VAL A 352 7.07 17.27 2.02
N ARG A 353 8.09 18.09 2.26
CA ARG A 353 9.20 18.12 1.32
C ARG A 353 9.94 16.79 1.30
N ARG A 354 10.11 16.16 2.47
CA ARG A 354 10.66 14.80 2.49
C ARG A 354 9.81 13.83 1.63
N SER A 355 8.49 13.84 1.84
CA SER A 355 7.58 12.99 1.07
C SER A 355 7.71 13.25 -0.43
N LEU A 356 7.65 14.52 -0.81
CA LEU A 356 7.70 14.90 -2.21
C LEU A 356 9.03 14.50 -2.84
N MET A 357 10.13 14.72 -2.11
CA MET A 357 11.42 14.37 -2.72
C MET A 357 11.57 12.87 -2.81
N THR A 358 10.95 12.12 -1.88
CA THR A 358 10.94 10.67 -1.99
C THR A 358 10.19 10.20 -3.23
N GLN A 359 8.99 10.74 -3.44
CA GLN A 359 8.23 10.44 -4.64
C GLN A 359 8.99 10.84 -5.90
N LYS A 360 9.53 12.07 -5.91
CA LYS A 360 10.25 12.56 -7.08
C LYS A 360 11.45 11.66 -7.44
N ALA A 361 12.29 11.37 -6.45
CA ALA A 361 13.50 10.59 -6.73
C ALA A 361 13.17 9.19 -7.19
N TYR A 362 12.18 8.55 -6.56
CA TYR A 362 11.83 7.21 -7.05
C TYR A 362 11.15 7.27 -8.42
N ALA A 363 10.23 8.22 -8.64
CA ALA A 363 9.60 8.27 -9.96
C ALA A 363 10.65 8.49 -11.04
N GLU A 364 11.57 9.43 -10.81
CA GLU A 364 12.53 9.76 -11.87
C GLU A 364 13.65 8.72 -11.96
N GLY A 365 14.09 8.17 -10.82
CA GLY A 365 14.99 7.03 -10.86
C GLY A 365 14.40 5.86 -11.63
N LEU A 366 13.11 5.57 -11.42
CA LEU A 366 12.48 4.44 -12.11
C LEU A 366 12.33 4.72 -13.60
N ARG A 367 12.04 5.97 -13.97
CA ARG A 367 11.97 6.29 -15.40
C ARG A 367 13.33 6.07 -16.05
N ALA A 368 14.39 6.53 -15.38
CA ALA A 368 15.72 6.32 -15.93
C ALA A 368 15.99 4.83 -16.08
N ILE A 369 15.53 4.02 -15.13
CA ILE A 369 15.81 2.59 -15.17
C ILE A 369 15.15 1.92 -16.38
N TYR A 370 13.86 2.21 -16.64
CA TYR A 370 13.23 1.53 -17.76
C TYR A 370 13.76 2.04 -19.09
N LEU A 371 14.11 3.34 -19.16
CA LEU A 371 14.70 3.85 -20.40
C LEU A 371 16.13 3.31 -20.61
N TYR A 372 16.91 3.23 -19.53
CA TYR A 372 18.21 2.55 -19.59
C TYR A 372 18.05 1.11 -20.08
N THR A 373 17.12 0.38 -19.48
CA THR A 373 16.82 -0.99 -19.90
C THR A 373 16.50 -1.04 -21.38
N ALA A 374 15.65 -0.11 -21.85
CA ALA A 374 15.27 -0.11 -23.25
C ALA A 374 16.45 0.16 -24.19
N THR A 375 17.48 0.88 -23.73
CA THR A 375 18.61 1.13 -24.61
C THR A 375 19.38 -0.15 -24.93
N PHE A 376 19.10 -1.27 -24.23
CA PHE A 376 19.73 -2.55 -24.54
C PHE A 376 18.84 -3.45 -25.37
N GLN A 377 17.65 -2.99 -25.73
CA GLN A 377 16.72 -3.81 -26.48
C GLN A 377 16.88 -3.67 -27.99
N ASP A 378 17.73 -2.75 -28.46
CA ASP A 378 18.12 -2.67 -29.87
C ASP A 378 19.63 -2.82 -29.97
N ALA A 379 20.10 -3.78 -30.79
CA ALA A 379 21.55 -3.92 -30.98
C ALA A 379 22.17 -2.59 -31.40
N GLU A 380 21.55 -1.90 -32.37
CA GLU A 380 22.12 -0.65 -32.88
C GLU A 380 22.23 0.40 -31.78
N VAL A 381 21.20 0.52 -30.93
CA VAL A 381 21.24 1.52 -29.88
C VAL A 381 22.30 1.17 -28.86
N ALA A 382 22.32 -0.10 -28.44
CA ALA A 382 23.30 -0.52 -27.45
C ALA A 382 24.73 -0.30 -27.95
N GLN A 383 25.00 -0.62 -29.22
CA GLN A 383 26.31 -0.33 -29.79
C GLN A 383 26.58 1.17 -29.77
N ALA A 384 25.62 1.95 -30.27
CA ALA A 384 25.83 3.39 -30.41
C ALA A 384 26.06 4.07 -29.07
N VAL A 385 25.23 3.76 -28.06
CA VAL A 385 25.25 4.57 -26.85
C VAL A 385 26.07 3.96 -25.72
N HIS A 386 26.34 2.65 -25.76
CA HIS A 386 27.12 1.96 -24.73
C HIS A 386 28.39 1.30 -25.23
N GLY A 387 28.55 1.10 -26.54
CA GLY A 387 29.70 0.35 -27.01
C GLY A 387 29.62 -1.13 -26.74
N VAL A 388 28.41 -1.67 -26.59
CA VAL A 388 28.18 -3.06 -26.19
C VAL A 388 27.63 -3.81 -27.38
N ASP A 389 28.12 -5.03 -27.61
CA ASP A 389 27.71 -5.79 -28.79
C ASP A 389 26.39 -6.50 -28.53
N GLY A 390 25.90 -7.21 -29.56
CA GLY A 390 24.55 -7.73 -29.51
C GLY A 390 24.33 -8.75 -28.42
N ASP A 391 25.28 -9.68 -28.26
CA ASP A 391 25.13 -10.72 -27.24
C ASP A 391 25.09 -10.14 -25.84
N LEU A 392 26.02 -9.23 -25.51
CA LEU A 392 26.03 -8.66 -24.18
C LEU A 392 24.78 -7.81 -23.94
N ALA A 393 24.36 -7.06 -24.95
CA ALA A 393 23.16 -6.24 -24.83
C ALA A 393 21.95 -7.10 -24.48
N ALA A 394 21.79 -8.26 -25.13
CA ALA A 394 20.64 -9.11 -24.82
C ALA A 394 20.67 -9.59 -23.38
N ARG A 395 21.87 -9.95 -22.89
CA ARG A 395 22.00 -10.46 -21.53
C ARG A 395 21.76 -9.35 -20.50
N VAL A 396 22.15 -8.12 -20.83
CA VAL A 396 21.92 -7.00 -19.90
C VAL A 396 20.44 -6.64 -19.88
N ASN A 397 19.81 -6.61 -21.05
CA ASN A 397 18.36 -6.42 -21.08
C ASN A 397 17.66 -7.48 -20.23
N ASP A 398 18.06 -8.75 -20.41
CA ASP A 398 17.44 -9.83 -19.66
C ASP A 398 17.68 -9.66 -18.17
N LEU A 399 18.85 -9.16 -17.79
CA LEU A 399 19.15 -8.90 -16.39
C LEU A 399 18.22 -7.84 -15.84
N LEU A 400 17.95 -6.79 -16.63
CA LEU A 400 17.24 -5.63 -16.11
C LEU A 400 15.73 -5.82 -16.11
N LEU A 401 15.20 -6.71 -16.95
CA LEU A 401 13.75 -6.87 -17.01
C LEU A 401 13.12 -7.17 -15.66
N PRO A 402 13.64 -8.11 -14.86
CA PRO A 402 13.01 -8.34 -13.55
C PRO A 402 13.18 -7.18 -12.60
N ILE A 403 14.15 -6.28 -12.85
CA ILE A 403 14.23 -5.04 -12.06
C ILE A 403 13.11 -4.10 -12.46
N VAL A 404 12.99 -3.82 -13.76
CA VAL A 404 11.88 -2.99 -14.23
C VAL A 404 10.56 -3.51 -13.67
N LYS A 405 10.32 -4.82 -13.84
CA LYS A 405 9.04 -5.39 -13.44
C LYS A 405 8.93 -5.49 -11.93
N GLY A 406 9.84 -6.22 -11.29
CA GLY A 406 9.72 -6.48 -9.86
C GLY A 406 9.93 -5.25 -8.99
N PHE A 407 11.08 -4.60 -9.15
CA PHE A 407 11.38 -3.41 -8.37
C PHE A 407 10.47 -2.26 -8.76
N GLY A 408 10.16 -2.16 -10.05
CA GLY A 408 9.24 -1.11 -10.49
C GLY A 408 7.86 -1.25 -9.86
N SER A 409 7.26 -2.44 -9.94
CA SER A 409 5.91 -2.64 -9.42
C SER A 409 5.87 -2.42 -7.90
N GLU A 410 6.81 -3.01 -7.17
CA GLU A 410 6.81 -2.88 -5.71
C GLU A 410 7.04 -1.44 -5.28
N THR A 411 7.98 -0.76 -5.94
CA THR A 411 8.32 0.60 -5.52
C THR A 411 7.19 1.57 -5.81
N ALA A 412 6.60 1.49 -7.01
CA ALA A 412 5.54 2.43 -7.38
C ALA A 412 4.36 2.35 -6.43
N TYR A 413 3.91 1.13 -6.12
CA TYR A 413 2.77 0.98 -5.20
C TYR A 413 3.12 1.54 -3.82
N ALA A 414 4.32 1.23 -3.31
CA ALA A 414 4.73 1.72 -2.00
C ALA A 414 4.81 3.24 -1.98
N LYS A 415 5.36 3.86 -3.02
CA LYS A 415 5.55 5.31 -2.91
C LYS A 415 4.29 6.10 -3.22
N LEU A 416 3.33 5.53 -3.95
CA LEU A 416 2.02 6.16 -4.08
C LEU A 416 1.37 6.37 -2.72
N THR A 417 1.74 5.58 -1.71
CA THR A 417 1.30 5.85 -0.35
C THR A 417 1.68 7.26 0.10
N GLU A 418 2.90 7.70 -0.26
CA GLU A 418 3.33 9.06 0.05
C GLU A 418 2.53 10.09 -0.76
N SER A 419 2.28 9.80 -2.04
CA SER A 419 1.45 10.67 -2.87
C SER A 419 0.09 10.92 -2.24
N LEU A 420 -0.58 9.86 -1.80
CA LEU A 420 -1.90 10.04 -1.20
C LEU A 420 -1.80 10.80 0.11
N GLN A 421 -0.82 10.44 0.94
CA GLN A 421 -0.63 11.11 2.22
C GLN A 421 -0.48 12.62 2.05
N THR A 422 0.08 13.06 0.93
CA THR A 422 0.35 14.49 0.73
C THR A 422 -0.94 15.28 0.62
N LEU A 423 -2.02 14.62 0.20
CA LEU A 423 -3.32 15.26 0.11
C LEU A 423 -4.05 15.32 1.44
N GLY A 424 -3.51 14.71 2.50
CA GLY A 424 -4.30 14.72 3.72
C GLY A 424 -5.54 13.86 3.55
N GLY A 425 -6.59 14.18 4.34
CA GLY A 425 -7.83 13.43 4.23
C GLY A 425 -8.40 13.40 2.82
N SER A 426 -8.14 14.45 2.03
CA SER A 426 -8.62 14.47 0.65
C SER A 426 -8.05 13.35 -0.21
N GLY A 427 -6.85 12.84 0.11
CA GLY A 427 -6.31 11.72 -0.68
C GLY A 427 -7.15 10.45 -0.61
N PHE A 428 -7.94 10.31 0.46
CA PHE A 428 -8.82 9.16 0.63
C PHE A 428 -10.10 9.27 -0.20
N LEU A 429 -10.34 10.38 -0.90
CA LEU A 429 -11.56 10.60 -1.65
C LEU A 429 -11.40 10.12 -3.08
N GLN A 430 -12.48 9.56 -3.65
CA GLN A 430 -12.43 9.26 -5.09
C GLN A 430 -12.40 10.53 -5.94
N ASP A 431 -12.63 11.69 -5.33
CA ASP A 431 -12.55 12.96 -6.06
C ASP A 431 -11.18 13.18 -6.68
N TYR A 432 -10.15 12.61 -6.07
CA TYR A 432 -8.80 12.72 -6.56
C TYR A 432 -8.37 11.36 -7.08
N PRO A 433 -7.43 11.30 -8.02
CA PRO A 433 -7.14 10.04 -8.72
C PRO A 433 -6.14 9.13 -8.01
N ILE A 434 -5.57 9.56 -6.88
CA ILE A 434 -4.49 8.77 -6.28
C ILE A 434 -5.02 7.44 -5.74
N GLU A 435 -6.22 7.42 -5.15
CA GLU A 435 -6.69 6.14 -4.61
C GLU A 435 -6.95 5.13 -5.73
N GLN A 436 -7.38 5.60 -6.90
CA GLN A 436 -7.49 4.69 -8.03
C GLN A 436 -6.10 4.27 -8.54
N TYR A 437 -5.12 5.19 -8.56
CA TYR A 437 -3.75 4.81 -8.91
C TYR A 437 -3.30 3.65 -8.04
N ILE A 438 -3.56 3.73 -6.75
CA ILE A 438 -3.12 2.67 -5.85
C ILE A 438 -3.80 1.35 -6.19
N ARG A 439 -5.12 1.39 -6.37
CA ARG A 439 -5.86 0.16 -6.65
C ARG A 439 -5.44 -0.45 -7.97
N ASP A 440 -5.31 0.40 -9.00
CA ASP A 440 -4.88 -0.05 -10.33
C ASP A 440 -3.45 -0.60 -10.32
N SER A 441 -2.58 -0.08 -9.45
CA SER A 441 -1.19 -0.53 -9.50
C SER A 441 -0.92 -1.76 -8.62
N LYS A 442 -1.84 -2.13 -7.73
CA LYS A 442 -1.60 -3.30 -6.85
C LYS A 442 -1.36 -4.57 -7.67
N ILE A 443 -2.00 -4.70 -8.84
CA ILE A 443 -1.86 -5.91 -9.65
C ILE A 443 -0.46 -6.01 -10.27
N ASP A 444 0.31 -4.92 -10.29
CA ASP A 444 1.59 -4.96 -11.00
C ASP A 444 2.61 -5.86 -10.32
N SER A 445 2.44 -6.18 -9.02
CA SER A 445 3.33 -7.14 -8.38
C SER A 445 2.87 -8.57 -8.56
N LEU A 446 1.78 -8.79 -9.28
CA LEU A 446 1.18 -10.11 -9.37
C LEU A 446 1.18 -10.62 -10.80
N TYR A 447 0.49 -9.93 -11.72
CA TYR A 447 0.42 -10.45 -13.11
C TYR A 447 1.79 -10.35 -13.80
N ALA A 448 1.96 -11.16 -14.87
CA ALA A 448 3.23 -11.31 -15.59
C ALA A 448 4.33 -11.90 -14.69
N GLY A 449 3.94 -12.60 -13.62
CA GLY A 449 4.89 -13.21 -12.71
C GLY A 449 5.02 -12.41 -11.42
N THR A 450 4.78 -13.03 -10.26
CA THR A 450 4.84 -12.33 -8.99
C THR A 450 6.25 -11.85 -8.70
N THR A 451 6.34 -10.92 -7.75
CA THR A 451 7.64 -10.41 -7.33
C THR A 451 8.60 -11.54 -6.99
N ALA A 452 8.11 -12.55 -6.25
CA ALA A 452 9.00 -13.65 -5.88
C ALA A 452 9.54 -14.34 -7.13
N ILE A 453 8.69 -14.50 -8.14
CA ILE A 453 9.13 -15.12 -9.38
C ILE A 453 10.10 -14.22 -10.12
N GLN A 454 9.89 -12.90 -10.09
CA GLN A 454 10.87 -11.97 -10.66
C GLN A 454 12.22 -12.13 -10.01
N ALA A 455 12.23 -12.21 -8.67
CA ALA A 455 13.47 -12.24 -7.93
C ALA A 455 14.20 -13.56 -8.14
N GLN A 456 13.44 -14.66 -8.20
CA GLN A 456 14.03 -15.94 -8.50
C GLN A 456 14.60 -15.96 -9.92
N ASP A 457 13.88 -15.38 -10.88
CA ASP A 457 14.40 -15.27 -12.24
C ASP A 457 15.71 -14.47 -12.26
N PHE A 458 15.67 -13.28 -11.67
CA PHE A 458 16.84 -12.42 -11.58
C PHE A 458 18.07 -13.18 -11.09
N PHE A 459 17.96 -13.89 -9.97
CA PHE A 459 19.14 -14.50 -9.39
C PHE A 459 19.54 -15.79 -10.13
N PHE A 460 18.60 -16.72 -10.28
CA PHE A 460 18.97 -18.04 -10.81
C PHE A 460 19.28 -17.99 -12.30
N ARG A 461 18.48 -17.25 -13.05
CA ARG A 461 18.64 -17.25 -14.50
C ARG A 461 19.45 -16.09 -15.03
N LYS A 462 19.23 -14.88 -14.51
CA LYS A 462 19.86 -13.71 -15.08
C LYS A 462 21.24 -13.43 -14.49
N ILE A 463 21.59 -14.12 -13.40
CA ILE A 463 22.90 -13.97 -12.79
C ILE A 463 23.65 -15.31 -12.79
N ILE A 464 23.09 -16.32 -12.11
CA ILE A 464 23.85 -17.57 -11.96
C ILE A 464 24.03 -18.26 -13.31
N ARG A 465 22.93 -18.55 -14.00
CA ARG A 465 23.01 -19.18 -15.32
C ARG A 465 23.81 -18.32 -16.29
N ASP A 466 23.72 -17.00 -16.14
CA ASP A 466 24.47 -16.07 -16.96
C ASP A 466 25.93 -16.02 -16.57
N LYS A 467 26.34 -16.76 -15.54
CA LYS A 467 27.69 -16.66 -14.99
C LYS A 467 28.10 -15.22 -14.70
N GLY A 468 27.11 -14.41 -14.32
CA GLY A 468 27.38 -13.08 -13.79
C GLY A 468 27.88 -12.07 -14.79
N GLN A 469 27.79 -12.36 -16.10
CA GLN A 469 28.43 -11.50 -17.10
C GLN A 469 27.68 -10.18 -17.26
N ALA A 470 26.35 -10.24 -17.39
CA ALA A 470 25.58 -9.00 -17.47
C ALA A 470 25.74 -8.20 -16.20
N LEU A 471 25.65 -8.86 -15.05
CA LEU A 471 25.78 -8.15 -13.78
C LEU A 471 27.16 -7.49 -13.64
N ALA A 472 28.22 -8.20 -14.05
CA ALA A 472 29.55 -7.61 -13.93
C ALA A 472 29.68 -6.40 -14.84
N TYR A 473 29.07 -6.45 -16.03
CA TYR A 473 29.10 -5.28 -16.90
C TYR A 473 28.47 -4.09 -16.20
N VAL A 474 27.29 -4.28 -15.62
CA VAL A 474 26.62 -3.15 -14.98
C VAL A 474 27.43 -2.65 -13.79
N ALA A 475 27.93 -3.57 -12.96
CA ALA A 475 28.74 -3.13 -11.83
C ALA A 475 29.97 -2.35 -12.28
N GLY A 476 30.54 -2.72 -13.44
CA GLY A 476 31.69 -1.98 -13.95
C GLY A 476 31.36 -0.56 -14.34
N GLU A 477 30.17 -0.35 -14.92
CA GLU A 477 29.76 1.01 -15.27
C GLU A 477 29.55 1.87 -14.04
N ILE A 478 28.99 1.30 -12.98
CA ILE A 478 28.82 2.04 -11.73
C ILE A 478 30.18 2.38 -11.15
N GLU A 479 31.05 1.38 -11.07
CA GLU A 479 32.41 1.59 -10.58
C GLU A 479 33.11 2.69 -11.37
N GLN A 480 32.93 2.71 -12.69
CA GLN A 480 33.53 3.76 -13.49
C GLN A 480 32.99 5.12 -13.08
N PHE A 481 31.67 5.23 -12.93
CA PHE A 481 31.11 6.51 -12.50
C PHE A 481 31.70 6.92 -11.15
N ILE A 482 31.74 5.98 -10.20
CA ILE A 482 32.29 6.27 -8.89
C ILE A 482 33.72 6.82 -9.01
N LYS A 483 34.54 6.20 -9.85
CA LYS A 483 35.95 6.58 -9.92
C LYS A 483 36.14 7.94 -10.57
N ASN A 484 35.26 8.34 -11.48
CA ASN A 484 35.32 9.65 -12.11
C ASN A 484 36.70 9.93 -12.72
N GLY A 489 33.76 16.68 -7.76
CA GLY A 489 33.77 17.34 -6.46
C GLY A 489 32.40 17.62 -5.86
N ARG A 490 31.54 18.29 -6.63
CA ARG A 490 30.16 18.50 -6.18
C ARG A 490 29.40 17.19 -6.02
N LEU A 491 29.89 16.08 -6.62
CA LEU A 491 29.24 14.78 -6.40
C LEU A 491 30.14 13.80 -5.64
N LYS A 492 31.12 14.30 -4.88
CA LYS A 492 32.00 13.40 -4.16
C LYS A 492 31.26 12.59 -3.10
N THR A 493 30.41 13.27 -2.31
CA THR A 493 29.64 12.57 -1.29
C THR A 493 28.72 11.51 -1.90
N GLU A 494 28.04 11.86 -2.99
CA GLU A 494 27.18 10.87 -3.66
C GLU A 494 27.99 9.69 -4.21
N ARG A 495 29.17 9.93 -4.78
CA ARG A 495 29.99 8.82 -5.26
C ARG A 495 30.46 7.93 -4.12
N GLU A 496 30.77 8.51 -2.96
CA GLU A 496 31.14 7.69 -1.81
C GLU A 496 29.97 6.85 -1.33
N LEU A 497 28.77 7.44 -1.25
CA LEU A 497 27.59 6.66 -0.88
C LEU A 497 27.28 5.59 -1.92
N LEU A 498 27.50 5.88 -3.21
CA LEU A 498 27.30 4.85 -4.23
C LEU A 498 28.31 3.73 -4.09
N ALA A 499 29.56 4.05 -3.73
CA ALA A 499 30.57 3.01 -3.55
C ALA A 499 30.18 2.06 -2.42
N THR A 500 29.67 2.61 -1.31
CA THR A 500 29.18 1.75 -0.24
C THR A 500 28.03 0.87 -0.72
N ALA A 501 27.09 1.44 -1.50
CA ALA A 501 25.94 0.65 -1.96
C ALA A 501 26.36 -0.42 -2.96
N LEU A 502 27.27 -0.09 -3.88
CA LEU A 502 27.79 -1.11 -4.79
C LEU A 502 28.42 -2.25 -4.00
N ALA A 503 29.28 -1.92 -3.04
CA ALA A 503 29.89 -2.97 -2.21
C ALA A 503 28.81 -3.78 -1.47
N ASP A 504 27.77 -3.12 -1.00
CA ASP A 504 26.72 -3.86 -0.28
C ASP A 504 26.03 -4.84 -1.21
N VAL A 505 25.69 -4.40 -2.42
CA VAL A 505 25.05 -5.29 -3.37
C VAL A 505 25.98 -6.45 -3.72
N GLN A 506 27.27 -6.16 -3.89
CA GLN A 506 28.21 -7.24 -4.21
C GLN A 506 28.31 -8.22 -3.05
N GLY A 507 28.31 -7.72 -1.81
CA GLY A 507 28.27 -8.60 -0.66
C GLY A 507 27.02 -9.47 -0.62
N MET A 508 25.85 -8.88 -0.90
CA MET A 508 24.62 -9.67 -0.96
C MET A 508 24.75 -10.78 -2.00
N ALA A 509 25.23 -10.42 -3.21
CA ALA A 509 25.34 -11.41 -4.27
C ALA A 509 26.25 -12.55 -3.87
N ALA A 510 27.35 -12.23 -3.17
CA ALA A 510 28.31 -13.25 -2.74
C ALA A 510 27.71 -14.17 -1.69
N SER A 511 26.98 -13.60 -0.72
CA SER A 511 26.36 -14.40 0.32
C SER A 511 25.32 -15.36 -0.28
N LEU A 512 24.45 -14.86 -1.15
CA LEU A 512 23.45 -15.74 -1.77
C LEU A 512 24.10 -16.78 -2.68
N THR A 513 25.17 -16.39 -3.38
CA THR A 513 25.86 -17.40 -4.19
C THR A 513 26.45 -18.49 -3.31
N GLY A 514 27.02 -18.11 -2.16
CA GLY A 514 27.49 -19.12 -1.22
C GLY A 514 26.40 -20.04 -0.75
N TYR A 515 25.23 -19.50 -0.37
CA TYR A 515 24.11 -20.35 0.02
C TYR A 515 23.70 -21.29 -1.10
N LEU A 516 23.69 -20.81 -2.34
CA LEU A 516 23.31 -21.71 -3.45
C LEU A 516 24.36 -22.80 -3.64
N MET A 517 25.64 -22.42 -3.65
CA MET A 517 26.67 -23.42 -3.95
C MET A 517 26.77 -24.44 -2.83
N ALA A 518 26.53 -24.02 -1.60
CA ALA A 518 26.53 -24.92 -0.45
C ALA A 518 25.37 -25.91 -0.47
N ALA A 519 24.35 -25.68 -1.31
CA ALA A 519 23.20 -26.60 -1.35
C ALA A 519 23.56 -27.94 -1.99
N GLN A 520 24.67 -28.01 -2.74
CA GLN A 520 25.05 -29.30 -3.31
C GLN A 520 25.31 -30.32 -2.22
N GLU A 521 25.96 -29.90 -1.13
CA GLU A 521 26.18 -30.78 0.02
C GLU A 521 25.15 -30.65 1.13
N ASP A 522 24.40 -29.55 1.17
CA ASP A 522 23.42 -29.34 2.24
C ASP A 522 22.19 -28.74 1.57
N ALA A 523 21.26 -29.62 1.14
CA ALA A 523 20.17 -29.21 0.26
C ALA A 523 19.38 -28.02 0.81
N ALA A 524 19.09 -28.01 2.11
CA ALA A 524 18.29 -26.94 2.70
C ALA A 524 19.01 -25.59 2.63
N SER A 525 20.31 -25.58 2.35
CA SER A 525 20.99 -24.31 2.19
C SER A 525 20.31 -23.45 1.14
N ILE A 526 19.69 -24.09 0.15
CA ILE A 526 19.09 -23.30 -0.93
C ILE A 526 17.96 -22.41 -0.41
N TYR A 527 17.31 -22.79 0.68
CA TYR A 527 16.22 -21.97 1.18
C TYR A 527 16.67 -20.55 1.51
N LYS A 528 17.91 -20.39 1.97
CA LYS A 528 18.38 -19.04 2.30
C LYS A 528 18.46 -18.17 1.06
N VAL A 529 18.72 -18.76 -0.11
CA VAL A 529 18.62 -17.97 -1.34
C VAL A 529 17.19 -17.46 -1.49
N GLY A 530 16.21 -18.34 -1.30
CA GLY A 530 14.82 -17.93 -1.44
C GLY A 530 14.45 -16.88 -0.41
N LEU A 531 14.96 -17.03 0.82
CA LEU A 531 14.68 -16.05 1.86
C LEU A 531 15.22 -14.68 1.48
N GLY A 532 16.42 -14.63 0.88
CA GLY A 532 17.01 -13.35 0.53
C GLY A 532 16.70 -12.79 -0.84
N SER A 533 16.04 -13.54 -1.72
CA SER A 533 16.04 -13.16 -3.13
C SER A 533 15.32 -11.84 -3.39
N VAL A 534 14.13 -11.64 -2.80
CA VAL A 534 13.40 -10.39 -3.12
C VAL A 534 14.15 -9.18 -2.57
N ARG A 535 14.65 -9.27 -1.34
CA ARG A 535 15.42 -8.16 -0.78
C ARG A 535 16.64 -7.81 -1.64
N PHE A 536 17.30 -8.84 -2.20
CA PHE A 536 18.41 -8.60 -3.12
C PHE A 536 17.94 -7.87 -4.38
N LEU A 537 16.83 -8.34 -4.97
CA LEU A 537 16.30 -7.66 -6.16
C LEU A 537 16.02 -6.20 -5.87
N MET A 538 15.43 -5.91 -4.71
CA MET A 538 15.10 -4.52 -4.39
C MET A 538 16.37 -3.71 -4.15
N ALA A 539 17.39 -4.32 -3.54
CA ALA A 539 18.63 -3.60 -3.29
C ALA A 539 19.30 -3.19 -4.60
N VAL A 540 19.30 -4.09 -5.59
CA VAL A 540 19.86 -3.76 -6.88
C VAL A 540 19.07 -2.62 -7.53
N GLY A 541 17.74 -2.66 -7.41
CA GLY A 541 16.92 -1.56 -7.92
C GLY A 541 17.29 -0.24 -7.28
N ASP A 542 17.45 -0.22 -5.94
CA ASP A 542 17.86 1.01 -5.28
C ASP A 542 19.25 1.46 -5.72
N LEU A 543 20.17 0.50 -5.89
CA LEU A 543 21.51 0.86 -6.37
C LEU A 543 21.44 1.49 -7.75
N LEU A 544 20.68 0.88 -8.66
CA LEU A 544 20.54 1.42 -10.02
C LEU A 544 19.88 2.79 -10.01
N SER A 545 18.80 2.95 -9.21
CA SER A 545 18.19 4.26 -9.09
C SER A 545 19.20 5.30 -8.63
N GLY A 546 19.97 4.99 -7.57
CA GLY A 546 20.94 5.95 -7.07
C GLY A 546 21.99 6.30 -8.10
N TRP A 547 22.49 5.30 -8.81
CA TRP A 547 23.51 5.55 -9.83
C TRP A 547 22.97 6.41 -10.96
N LEU A 548 21.81 6.04 -11.53
CA LEU A 548 21.27 6.79 -12.65
C LEU A 548 20.88 8.21 -12.24
N LEU A 549 20.29 8.38 -11.05
CA LEU A 549 20.08 9.75 -10.54
C LEU A 549 21.38 10.53 -10.46
N ALA A 550 22.45 9.88 -9.98
CA ALA A 550 23.71 10.61 -9.85
C ALA A 550 24.26 10.97 -11.23
N ARG A 551 24.12 10.04 -12.20
CA ARG A 551 24.48 10.35 -13.57
C ARG A 551 23.67 11.53 -14.12
N GLN A 552 22.36 11.57 -13.82
CA GLN A 552 21.56 12.72 -14.22
C GLN A 552 22.06 14.00 -13.59
N ALA A 553 22.41 13.95 -12.30
CA ALA A 553 22.91 15.13 -11.62
C ALA A 553 24.24 15.60 -12.22
N ALA A 554 25.08 14.65 -12.65
CA ALA A 554 26.32 15.04 -13.33
C ALA A 554 26.02 15.78 -14.63
N VAL A 555 25.07 15.29 -15.41
CA VAL A 555 24.62 16.02 -16.59
C VAL A 555 24.08 17.39 -16.20
N ALA A 556 23.29 17.44 -15.12
CA ALA A 556 22.67 18.71 -14.72
C ALA A 556 23.73 19.73 -14.32
N ILE A 557 24.78 19.29 -13.62
CA ILE A 557 25.86 20.20 -13.25
C ILE A 557 26.51 20.80 -14.49
N GLU A 558 26.76 19.95 -15.50
CA GLU A 558 27.32 20.43 -16.76
C GLU A 558 26.45 21.49 -17.41
N LYS A 559 25.13 21.27 -17.44
CA LYS A 559 24.20 22.20 -18.09
C LYS A 559 24.05 23.49 -17.30
N LEU A 560 24.08 23.42 -15.97
CA LEU A 560 24.02 24.66 -15.19
C LEU A 560 25.30 25.47 -15.37
N ASP A 561 26.46 24.80 -15.31
CA ASP A 561 27.75 25.47 -15.57
C ASP A 561 27.78 26.15 -16.92
N ALA A 562 27.13 25.55 -17.92
CA ALA A 562 27.06 26.14 -19.26
C ALA A 562 26.05 27.28 -19.36
N GLY A 563 25.32 27.59 -18.29
CA GLY A 563 24.46 28.75 -18.27
C GLY A 563 22.96 28.51 -18.39
N ALA A 564 22.46 27.35 -17.97
CA ALA A 564 21.02 27.12 -18.05
C ALA A 564 20.29 28.18 -17.23
N THR A 565 19.11 28.57 -17.70
CA THR A 565 18.31 29.58 -17.03
C THR A 565 16.86 29.11 -16.93
N GLY A 566 16.06 29.87 -16.19
CA GLY A 566 14.61 29.69 -16.26
C GLY A 566 14.18 28.30 -15.85
N ALA A 567 13.18 27.78 -16.57
CA ALA A 567 12.62 26.48 -16.26
C ALA A 567 13.65 25.37 -16.38
N ASP A 568 14.59 25.50 -17.34
CA ASP A 568 15.67 24.51 -17.46
C ASP A 568 16.50 24.47 -16.20
N LYS A 569 16.91 25.64 -15.72
CA LYS A 569 17.72 25.71 -14.51
C LYS A 569 17.02 25.03 -13.34
N SER A 570 15.73 25.31 -13.16
CA SER A 570 14.96 24.66 -12.08
C SER A 570 14.98 23.15 -12.22
N PHE A 571 14.76 22.66 -13.45
CA PHE A 571 14.78 21.22 -13.70
C PHE A 571 16.11 20.60 -13.29
N TYR A 572 17.21 21.21 -13.75
CA TYR A 572 18.54 20.69 -13.44
C TYR A 572 18.84 20.76 -11.93
N GLU A 573 18.42 21.84 -11.28
CA GLU A 573 18.59 21.90 -9.82
C GLU A 573 17.85 20.76 -9.12
N GLY A 574 16.66 20.41 -9.61
CA GLY A 574 15.92 19.29 -9.04
C GLY A 574 16.63 17.96 -9.20
N LYS A 575 17.32 17.77 -10.33
CA LYS A 575 18.07 16.53 -10.51
C LYS A 575 19.21 16.42 -9.51
N ILE A 576 19.92 17.53 -9.25
CA ILE A 576 21.00 17.49 -8.26
C ILE A 576 20.43 17.17 -6.87
N ALA A 577 19.32 17.84 -6.50
CA ALA A 577 18.69 17.60 -5.21
C ALA A 577 18.22 16.16 -5.07
N ALA A 578 17.59 15.61 -6.12
CA ALA A 578 17.07 14.25 -6.03
C ALA A 578 18.19 13.23 -5.87
N ALA A 579 19.28 13.39 -6.65
CA ALA A 579 20.41 12.47 -6.56
C ALA A 579 21.01 12.50 -5.17
N SER A 580 21.16 13.69 -4.60
CA SER A 580 21.75 13.82 -3.28
C SER A 580 20.81 13.26 -2.21
N PHE A 581 19.52 13.57 -2.30
CA PHE A 581 18.57 13.04 -1.32
C PHE A 581 18.53 11.53 -1.36
N PHE A 582 18.52 10.95 -2.56
CA PHE A 582 18.45 9.49 -2.69
C PHE A 582 19.70 8.83 -2.13
N ALA A 583 20.87 9.37 -2.46
CA ALA A 583 22.11 8.81 -1.93
C ALA A 583 22.14 8.86 -0.40
N LYS A 584 21.62 9.94 0.19
CA LYS A 584 21.79 10.11 1.62
C LYS A 584 20.66 9.48 2.44
N ASN A 585 19.49 9.22 1.84
CA ASN A 585 18.34 8.71 2.58
C ASN A 585 17.87 7.33 2.16
N MET A 586 18.14 6.88 0.93
CA MET A 586 17.78 5.52 0.52
C MET A 586 18.96 4.56 0.47
N LEU A 587 20.09 4.98 -0.08
CA LEU A 587 21.17 4.02 -0.28
C LEU A 587 21.71 3.41 1.02
N PRO A 588 21.83 4.15 2.13
CA PRO A 588 22.50 3.55 3.30
C PRO A 588 21.78 2.35 3.88
N LEU A 589 20.46 2.25 3.73
CA LEU A 589 19.73 1.10 4.26
C LEU A 589 20.23 -0.21 3.66
N LEU A 590 20.83 -0.16 2.48
CA LEU A 590 21.38 -1.36 1.87
C LEU A 590 22.51 -1.99 2.69
N THR A 591 23.19 -1.20 3.52
CA THR A 591 24.20 -1.81 4.38
C THR A 591 23.57 -2.74 5.41
N SER A 592 22.48 -2.31 6.04
CA SER A 592 21.81 -3.19 6.98
C SER A 592 21.22 -4.39 6.28
N THR A 593 20.70 -4.18 5.07
CA THR A 593 20.14 -5.31 4.35
C THR A 593 21.22 -6.34 4.01
N ARG A 594 22.43 -5.87 3.66
CA ARG A 594 23.52 -6.82 3.41
C ARG A 594 23.80 -7.66 4.65
N GLN A 595 23.92 -7.01 5.81
CA GLN A 595 24.23 -7.74 7.04
C GLN A 595 23.11 -8.71 7.41
N ILE A 596 21.86 -8.32 7.18
CA ILE A 596 20.74 -9.23 7.39
C ILE A 596 20.88 -10.46 6.48
N ILE A 597 21.15 -10.22 5.19
CA ILE A 597 21.27 -11.34 4.26
C ILE A 597 22.45 -12.24 4.63
N GLU A 598 23.54 -11.63 5.10
CA GLU A 598 24.70 -12.40 5.54
C GLU A 598 24.41 -13.26 6.76
N ASN A 599 23.30 -13.03 7.47
CA ASN A 599 22.99 -13.81 8.67
C ASN A 599 21.68 -14.59 8.56
N LEU A 600 21.14 -14.75 7.36
CA LEU A 600 19.94 -15.57 7.20
C LEU A 600 20.18 -16.98 7.70
N ASP A 601 19.14 -17.57 8.30
CA ASP A 601 19.23 -18.95 8.74
C ASP A 601 17.92 -19.67 8.42
N ASN A 602 17.88 -20.97 8.68
CA ASN A 602 16.72 -21.76 8.29
C ASN A 602 15.70 -21.98 9.42
N ASP A 603 15.80 -21.24 10.53
CA ASP A 603 14.81 -21.41 11.60
C ASP A 603 13.38 -21.26 11.08
N VAL A 604 13.14 -20.26 10.24
CA VAL A 604 11.79 -20.02 9.75
C VAL A 604 11.31 -21.15 8.85
N MET A 605 12.24 -21.87 8.20
CA MET A 605 11.90 -23.00 7.36
C MET A 605 11.66 -24.27 8.17
N GLU A 606 12.35 -24.42 9.31
CA GLU A 606 12.18 -25.60 10.16
C GLU A 606 10.94 -25.52 11.06
N LEU A 607 10.40 -24.33 11.26
CA LEU A 607 9.26 -24.15 12.15
C LEU A 607 8.06 -24.96 11.64
N ASP A 608 7.40 -25.62 12.58
CA ASP A 608 6.18 -26.34 12.23
C ASP A 608 5.19 -25.37 11.60
N GLU A 609 4.55 -25.79 10.52
CA GLU A 609 3.50 -24.96 9.94
C GLU A 609 2.42 -24.60 10.94
N ALA A 610 2.12 -25.49 11.91
CA ALA A 610 1.06 -25.19 12.87
C ALA A 610 1.41 -24.04 13.82
N ALA A 611 2.69 -23.67 13.92
CA ALA A 611 3.13 -22.59 14.78
C ALA A 611 2.84 -21.21 14.20
N PHE A 612 2.55 -21.11 12.90
CA PHE A 612 2.21 -19.78 12.33
C PHE A 612 0.84 -19.27 12.83
N SER B 1 -16.42 -12.46 0.23
CA SER B 1 -16.21 -13.25 1.47
C SER B 1 -17.08 -12.78 2.63
N MET B 2 -18.00 -13.64 3.10
CA MET B 2 -18.84 -13.22 4.22
C MET B 2 -18.08 -13.38 5.54
N SER B 3 -17.79 -14.64 5.96
CA SER B 3 -17.01 -14.92 7.17
C SER B 3 -15.55 -14.55 6.98
N HIS B 4 -15.33 -13.34 6.52
CA HIS B 4 -13.98 -12.88 6.27
C HIS B 4 -13.16 -12.79 7.55
N TYR B 5 -13.80 -12.59 8.69
CA TYR B 5 -13.07 -12.18 9.89
C TYR B 5 -12.52 -13.40 10.62
N LYS B 6 -11.19 -13.44 10.78
CA LYS B 6 -10.52 -14.49 11.55
C LYS B 6 -9.94 -13.84 12.80
N SER B 7 -10.42 -14.27 13.96
CA SER B 7 -10.08 -13.69 15.26
C SER B 7 -8.88 -14.41 15.86
N ASN B 8 -8.31 -13.80 16.92
CA ASN B 8 -7.21 -14.40 17.63
C ASN B 8 -7.36 -14.18 19.14
N VAL B 9 -8.39 -14.77 19.73
CA VAL B 9 -8.57 -14.66 21.18
C VAL B 9 -7.38 -15.27 21.90
N ARG B 10 -6.85 -16.38 21.37
CA ARG B 10 -5.75 -17.05 22.05
C ARG B 10 -4.59 -16.10 22.29
N ASP B 11 -4.21 -15.33 21.25
CA ASP B 11 -3.13 -14.37 21.43
C ASP B 11 -3.51 -13.24 22.40
N GLN B 12 -4.77 -12.80 22.35
CA GLN B 12 -5.19 -11.77 23.32
C GLN B 12 -5.02 -12.28 24.74
N VAL B 13 -5.52 -13.48 25.03
CA VAL B 13 -5.46 -14.00 26.39
C VAL B 13 -4.00 -14.25 26.80
N PHE B 14 -3.18 -14.74 25.87
CA PHE B 14 -1.76 -14.87 26.15
C PHE B 14 -1.18 -13.54 26.63
N ASN B 15 -1.42 -12.45 25.87
CA ASN B 15 -0.92 -11.14 26.31
C ASN B 15 -1.50 -10.73 27.66
N LEU B 16 -2.84 -10.78 27.77
CA LEU B 16 -3.52 -10.20 28.92
C LEU B 16 -3.13 -10.91 30.20
N PHE B 17 -3.01 -12.23 30.13
CA PHE B 17 -2.86 -13.07 31.32
C PHE B 17 -1.44 -13.60 31.49
N GLU B 18 -0.84 -14.15 30.43
CA GLU B 18 0.46 -14.79 30.60
C GLU B 18 1.60 -13.79 30.50
N VAL B 19 1.43 -12.69 29.76
CA VAL B 19 2.51 -11.72 29.62
C VAL B 19 2.36 -10.58 30.62
N PHE B 20 1.24 -9.86 30.56
CA PHE B 20 1.10 -8.65 31.36
C PHE B 20 0.46 -8.88 32.72
N GLY B 21 -0.18 -10.02 32.95
CA GLY B 21 -0.77 -10.29 34.26
C GLY B 21 -1.93 -9.37 34.61
N VAL B 22 -2.74 -8.99 33.61
CA VAL B 22 -3.89 -8.13 33.90
C VAL B 22 -4.90 -8.84 34.80
N ASP B 23 -4.82 -10.17 34.90
CA ASP B 23 -5.71 -10.84 35.83
C ASP B 23 -5.36 -10.56 37.29
N LYS B 24 -4.16 -10.00 37.56
CA LYS B 24 -3.82 -9.56 38.91
C LYS B 24 -4.87 -8.63 39.51
N VAL B 25 -5.56 -7.81 38.69
CA VAL B 25 -6.51 -6.85 39.21
C VAL B 25 -7.94 -7.32 39.10
N LEU B 26 -8.21 -8.38 38.33
CA LEU B 26 -9.59 -8.82 38.14
C LEU B 26 -10.11 -9.41 39.45
N GLY B 27 -11.24 -8.93 39.92
CA GLY B 27 -11.71 -9.28 41.25
C GLY B 27 -11.08 -8.48 42.38
N ALA B 28 -10.51 -7.33 42.09
CA ALA B 28 -9.93 -6.48 43.13
C ALA B 28 -10.28 -5.03 42.85
N ASP B 29 -10.77 -4.33 43.88
CA ASP B 29 -10.95 -2.88 43.83
C ASP B 29 -11.97 -2.54 42.75
N LYS B 30 -11.64 -1.68 41.77
CA LYS B 30 -12.62 -1.26 40.77
C LYS B 30 -13.19 -2.45 39.99
N PHE B 31 -12.43 -3.55 39.88
CA PHE B 31 -12.86 -4.72 39.12
C PHE B 31 -13.24 -5.88 40.02
N SER B 32 -13.74 -5.56 41.22
CA SER B 32 -14.04 -6.58 42.21
C SER B 32 -15.06 -7.60 41.70
N ASP B 33 -15.97 -7.19 40.83
CA ASP B 33 -17.06 -8.07 40.39
C ASP B 33 -16.80 -8.70 39.02
N LEU B 34 -15.58 -8.62 38.49
CA LEU B 34 -15.25 -9.26 37.22
C LEU B 34 -14.04 -10.15 37.41
N ASP B 35 -14.21 -11.47 37.24
CA ASP B 35 -13.12 -12.41 37.43
C ASP B 35 -12.50 -12.82 36.10
N ALA B 36 -11.36 -13.52 36.18
CA ALA B 36 -10.62 -13.88 34.97
C ALA B 36 -11.44 -14.81 34.07
N ASP B 37 -12.18 -15.76 34.64
CA ASP B 37 -13.00 -16.64 33.82
C ASP B 37 -14.02 -15.84 33.02
N THR B 38 -14.67 -14.88 33.67
CA THR B 38 -15.66 -14.06 32.98
C THR B 38 -15.02 -13.24 31.86
N ALA B 39 -13.84 -12.66 32.13
CA ALA B 39 -13.13 -11.90 31.11
C ALA B 39 -12.87 -12.75 29.87
N ARG B 40 -12.41 -13.99 30.06
CA ARG B 40 -12.16 -14.88 28.92
C ARG B 40 -13.44 -15.25 28.18
N GLU B 41 -14.54 -15.45 28.91
CA GLU B 41 -15.82 -15.76 28.27
C GLU B 41 -16.32 -14.59 27.43
N MET B 42 -16.16 -13.36 27.93
CA MET B 42 -16.51 -12.17 27.16
C MET B 42 -15.70 -12.07 25.85
N LEU B 43 -14.40 -12.37 25.91
CA LEU B 43 -13.58 -12.32 24.69
C LEU B 43 -14.08 -13.34 23.68
N THR B 44 -14.32 -14.58 24.14
CA THR B 44 -14.86 -15.60 23.26
C THR B 44 -16.21 -15.18 22.69
N GLU B 45 -17.08 -14.60 23.52
CA GLU B 45 -18.41 -14.24 23.05
C GLU B 45 -18.36 -13.15 21.98
N ILE B 46 -17.61 -12.07 22.20
CA ILE B 46 -17.64 -11.02 21.18
C ILE B 46 -16.87 -11.46 19.93
N ALA B 47 -15.84 -12.29 20.09
CA ALA B 47 -15.16 -12.81 18.89
C ALA B 47 -16.12 -13.64 18.06
N ARG B 48 -16.93 -14.49 18.70
CA ARG B 48 -17.94 -15.24 17.97
C ARG B 48 -18.97 -14.32 17.33
N LEU B 49 -19.42 -13.28 18.07
CA LEU B 49 -20.37 -12.36 17.46
C LEU B 49 -19.74 -11.60 16.31
N ALA B 50 -18.48 -11.22 16.46
CA ALA B 50 -17.78 -10.52 15.38
C ALA B 50 -17.64 -11.41 14.15
N GLU B 51 -17.23 -12.67 14.33
CA GLU B 51 -17.05 -13.55 13.18
C GLU B 51 -18.38 -13.86 12.50
N GLY B 52 -19.50 -13.75 13.23
CA GLY B 52 -20.79 -14.08 12.67
C GLY B 52 -21.56 -12.84 12.24
N PRO B 53 -22.51 -12.40 13.07
CA PRO B 53 -23.41 -11.30 12.68
C PRO B 53 -22.72 -9.98 12.33
N ILE B 54 -21.58 -9.66 12.94
CA ILE B 54 -20.92 -8.37 12.62
C ILE B 54 -20.20 -8.46 11.27
N ALA B 55 -19.35 -9.47 11.10
CA ALA B 55 -18.62 -9.64 9.83
C ALA B 55 -19.57 -9.86 8.67
N GLU B 56 -20.79 -10.32 8.97
CA GLU B 56 -21.75 -10.72 7.95
C GLU B 56 -22.01 -9.62 6.91
N SER B 57 -21.98 -8.35 7.32
CA SER B 57 -22.28 -7.26 6.39
C SER B 57 -21.01 -6.50 5.97
N PHE B 58 -19.82 -7.06 6.20
CA PHE B 58 -18.59 -6.34 5.88
C PHE B 58 -18.50 -6.04 4.40
N VAL B 59 -18.70 -7.06 3.56
CA VAL B 59 -18.76 -6.87 2.11
C VAL B 59 -19.94 -5.98 1.73
N GLU B 60 -21.12 -6.25 2.29
CA GLU B 60 -22.31 -5.48 1.90
C GLU B 60 -22.10 -3.98 2.10
N GLY B 61 -21.47 -3.60 3.20
CA GLY B 61 -21.31 -2.18 3.48
C GLY B 61 -20.46 -1.47 2.44
N ASP B 62 -19.50 -2.19 1.86
CA ASP B 62 -18.63 -1.65 0.82
C ASP B 62 -19.28 -1.69 -0.55
N ARG B 63 -20.01 -2.79 -0.85
CA ARG B 63 -20.54 -2.94 -2.20
C ARG B 63 -21.85 -2.20 -2.40
N ASN B 64 -22.61 -1.95 -1.34
CA ASN B 64 -23.92 -1.29 -1.37
C ASN B 64 -23.85 -0.13 -0.38
N PRO B 65 -23.08 0.90 -0.68
CA PRO B 65 -22.73 1.90 0.33
C PRO B 65 -23.88 2.84 0.62
N PRO B 66 -23.78 3.60 1.70
CA PRO B 66 -24.86 4.54 2.09
C PRO B 66 -25.22 5.51 0.97
N VAL B 67 -26.48 5.93 0.97
CA VAL B 67 -26.97 6.85 -0.07
C VAL B 67 -27.55 8.07 0.62
N PHE B 68 -27.18 9.25 0.14
CA PHE B 68 -27.55 10.52 0.74
C PHE B 68 -28.79 11.09 0.04
N ASP B 69 -29.78 11.54 0.82
CA ASP B 69 -30.86 12.33 0.25
C ASP B 69 -30.58 13.78 0.63
N PRO B 70 -30.21 14.64 -0.32
CA PRO B 70 -29.85 16.02 0.04
C PRO B 70 -31.04 16.87 0.46
N GLU B 71 -32.27 16.44 0.16
CA GLU B 71 -33.43 17.21 0.60
C GLU B 71 -33.86 16.88 2.02
N THR B 72 -33.66 15.65 2.47
CA THR B 72 -33.90 15.35 3.87
C THR B 72 -32.67 15.50 4.73
N HIS B 73 -31.49 15.64 4.13
CA HIS B 73 -30.22 15.72 4.87
C HIS B 73 -30.00 14.46 5.71
N THR B 74 -30.34 13.30 5.15
CA THR B 74 -30.17 12.04 5.87
C THR B 74 -29.50 11.01 4.97
N VAL B 75 -28.89 10.00 5.59
CA VAL B 75 -28.31 8.88 4.84
C VAL B 75 -29.10 7.62 5.12
N THR B 76 -29.18 6.75 4.11
CA THR B 76 -29.77 5.44 4.24
C THR B 76 -28.61 4.44 4.26
N LEU B 77 -28.58 3.59 5.31
CA LEU B 77 -27.56 2.57 5.38
C LEU B 77 -28.11 1.25 4.87
N PRO B 78 -27.27 0.38 4.29
CA PRO B 78 -27.76 -0.93 3.83
C PRO B 78 -28.30 -1.76 4.99
N GLU B 79 -29.36 -2.52 4.70
CA GLU B 79 -30.10 -3.20 5.77
C GLU B 79 -29.24 -4.22 6.50
N GLY B 80 -28.39 -4.95 5.77
CA GLY B 80 -27.53 -5.94 6.41
C GLY B 80 -26.58 -5.31 7.41
N PHE B 81 -26.08 -4.11 7.10
CA PHE B 81 -25.21 -3.44 8.06
C PHE B 81 -26.00 -2.98 9.31
N LYS B 82 -27.22 -2.48 9.12
CA LYS B 82 -28.02 -2.10 10.30
C LYS B 82 -28.37 -3.32 11.15
N LYS B 83 -28.60 -4.47 10.52
CA LYS B 83 -28.78 -5.69 11.29
C LYS B 83 -27.56 -6.01 12.14
N SER B 84 -26.35 -5.87 11.57
CA SER B 84 -25.11 -6.04 12.34
C SER B 84 -25.05 -5.05 13.50
N MET B 85 -25.42 -3.79 13.26
CA MET B 85 -25.48 -2.81 14.35
C MET B 85 -26.40 -3.27 15.47
N ARG B 86 -27.58 -3.77 15.13
CA ARG B 86 -28.51 -4.21 16.19
C ARG B 86 -27.97 -5.39 16.98
N ALA B 87 -27.21 -6.29 16.34
CA ALA B 87 -26.55 -7.36 17.08
C ALA B 87 -25.56 -6.80 18.09
N LEU B 88 -24.80 -5.79 17.68
CA LEU B 88 -23.89 -5.13 18.59
C LEU B 88 -24.66 -4.52 19.77
N PHE B 89 -25.74 -3.76 19.47
CA PHE B 89 -26.50 -3.13 20.55
C PHE B 89 -27.15 -4.18 21.44
N ASP B 90 -27.71 -5.23 20.85
CA ASP B 90 -28.44 -6.22 21.66
C ASP B 90 -27.52 -6.94 22.62
N GLY B 91 -26.23 -7.02 22.32
CA GLY B 91 -25.28 -7.59 23.26
C GLY B 91 -24.68 -6.62 24.25
N GLY B 92 -25.05 -5.34 24.20
CA GLY B 92 -24.43 -4.34 25.06
C GLY B 92 -23.00 -3.98 24.72
N TRP B 93 -22.54 -4.32 23.52
CA TRP B 93 -21.14 -4.09 23.17
C TRP B 93 -20.82 -2.62 22.92
N ASP B 94 -21.82 -1.77 22.73
CA ASP B 94 -21.55 -0.32 22.70
C ASP B 94 -21.33 0.26 24.09
N LYS B 95 -21.33 -0.56 25.13
CA LYS B 95 -21.13 -0.07 26.49
C LYS B 95 -19.93 -0.74 27.16
N VAL B 96 -19.03 -1.29 26.34
CA VAL B 96 -17.80 -1.90 26.83
C VAL B 96 -16.97 -0.82 27.51
N GLY B 97 -16.63 -1.02 28.77
CA GLY B 97 -15.79 -0.09 29.49
C GLY B 97 -16.50 1.16 29.95
N LEU B 98 -17.81 1.27 29.70
CA LEU B 98 -18.59 2.40 30.22
C LEU B 98 -18.63 2.36 31.74
N ALA B 99 -18.58 3.55 32.35
CA ALA B 99 -18.76 3.64 33.80
C ALA B 99 -20.02 2.90 34.23
N GLU B 100 -19.92 2.23 35.38
CA GLU B 100 -21.07 1.54 35.93
C GLU B 100 -22.28 2.46 36.06
N HIS B 101 -22.07 3.67 36.55
CA HIS B 101 -23.22 4.56 36.74
C HIS B 101 -23.89 4.94 35.41
N LEU B 102 -23.24 4.68 34.27
CA LEU B 102 -23.88 4.89 32.97
C LEU B 102 -24.38 3.59 32.35
N GLY B 103 -24.36 2.50 33.10
CA GLY B 103 -24.80 1.20 32.61
C GLY B 103 -23.69 0.31 32.10
N GLY B 104 -22.41 0.67 32.32
CA GLY B 104 -21.31 -0.14 31.83
C GLY B 104 -20.94 -1.28 32.77
N ILE B 105 -20.02 -2.11 32.29
CA ILE B 105 -19.40 -3.16 33.09
C ILE B 105 -17.96 -2.72 33.36
N PRO B 106 -17.60 -2.40 34.60
CA PRO B 106 -16.24 -1.88 34.84
C PRO B 106 -15.20 -2.95 34.51
N MET B 107 -14.15 -2.52 33.83
CA MET B 107 -13.15 -3.47 33.38
C MET B 107 -11.87 -2.72 33.04
N PRO B 108 -10.72 -3.38 33.09
CA PRO B 108 -9.49 -2.75 32.62
C PRO B 108 -9.62 -2.33 31.16
N ARG B 109 -8.99 -1.18 30.85
CA ARG B 109 -8.93 -0.73 29.46
C ARG B 109 -8.30 -1.78 28.55
N ALA B 110 -7.30 -2.50 29.06
CA ALA B 110 -6.67 -3.55 28.24
C ALA B 110 -7.68 -4.60 27.83
N LEU B 111 -8.59 -4.98 28.75
CA LEU B 111 -9.64 -5.91 28.37
C LEU B 111 -10.64 -5.26 27.41
N GLN B 112 -10.99 -4.00 27.67
CA GLN B 112 -11.94 -3.29 26.83
C GLN B 112 -11.45 -3.19 25.38
N TRP B 113 -10.18 -2.82 25.18
CA TRP B 113 -9.68 -2.71 23.81
C TRP B 113 -9.50 -4.07 23.16
N ALA B 114 -9.19 -5.12 23.93
CA ALA B 114 -9.16 -6.46 23.34
C ALA B 114 -10.55 -6.90 22.88
N LEU B 115 -11.60 -6.58 23.64
CA LEU B 115 -12.95 -6.86 23.18
C LEU B 115 -13.26 -6.10 21.89
N ILE B 116 -12.94 -4.81 21.87
CA ILE B 116 -13.25 -3.96 20.72
C ILE B 116 -12.48 -4.40 19.48
N GLU B 117 -11.27 -4.92 19.66
CA GLU B 117 -10.48 -5.36 18.52
C GLU B 117 -11.29 -6.25 17.59
N HIS B 118 -12.14 -7.12 18.15
CA HIS B 118 -12.92 -8.02 17.30
C HIS B 118 -13.93 -7.27 16.45
N ILE B 119 -14.59 -6.27 17.00
CA ILE B 119 -15.49 -5.49 16.16
C ILE B 119 -14.69 -4.76 15.08
N LEU B 120 -13.53 -4.21 15.44
CA LEU B 120 -12.73 -3.44 14.47
C LEU B 120 -12.18 -4.33 13.37
N GLY B 121 -11.90 -5.60 13.68
CA GLY B 121 -11.48 -6.52 12.64
C GLY B 121 -12.63 -6.97 11.75
N ALA B 122 -13.82 -7.14 12.32
CA ALA B 122 -14.96 -7.69 11.59
C ALA B 122 -15.70 -6.65 10.74
N ASN B 123 -15.76 -5.40 11.20
CA ASN B 123 -16.57 -4.39 10.50
C ASN B 123 -16.30 -3.09 11.23
N PRO B 124 -15.14 -2.46 11.01
CA PRO B 124 -14.73 -1.34 11.90
C PRO B 124 -15.71 -0.19 11.95
N ALA B 125 -16.40 0.12 10.85
CA ALA B 125 -17.38 1.22 10.91
C ALA B 125 -18.49 0.95 11.93
N ALA B 126 -18.80 -0.32 12.17
CA ALA B 126 -19.81 -0.65 13.18
C ALA B 126 -19.40 -0.13 14.55
N TYR B 127 -18.14 -0.29 14.90
CA TYR B 127 -17.69 0.26 16.18
C TYR B 127 -17.73 1.78 16.15
N MET B 128 -17.34 2.40 15.04
CA MET B 128 -17.38 3.87 14.98
C MET B 128 -18.80 4.39 15.21
N TYR B 129 -19.79 3.78 14.55
CA TYR B 129 -21.17 4.20 14.79
C TYR B 129 -21.57 4.00 16.24
N ALA B 130 -21.03 2.98 16.91
CA ALA B 130 -21.40 2.62 18.27
C ALA B 130 -20.61 3.37 19.34
N MET B 131 -19.85 4.41 18.98
CA MET B 131 -19.04 5.10 19.98
C MET B 131 -19.83 6.13 20.80
N GLY B 132 -21.13 6.28 20.57
CA GLY B 132 -21.94 7.28 21.21
C GLY B 132 -21.91 7.26 22.73
N PRO B 133 -22.18 6.11 23.32
CA PRO B 133 -22.11 6.04 24.79
C PRO B 133 -20.74 6.36 25.35
N GLY B 134 -19.65 5.93 24.69
CA GLY B 134 -18.33 6.35 25.12
C GLY B 134 -18.17 7.87 25.07
N MET B 135 -18.68 8.49 24.01
CA MET B 135 -18.72 9.96 23.93
C MET B 135 -19.51 10.55 25.06
N SER B 136 -20.69 9.98 25.34
CA SER B 136 -21.52 10.46 26.42
C SER B 136 -20.77 10.45 27.74
N GLU B 137 -19.98 9.41 27.99
CA GLU B 137 -19.17 9.40 29.21
C GLU B 137 -18.14 10.53 29.21
N ILE B 138 -17.51 10.83 28.06
CA ILE B 138 -16.57 11.95 28.04
C ILE B 138 -17.31 13.26 28.31
N PHE B 139 -18.50 13.42 27.73
CA PHE B 139 -19.32 14.59 28.00
C PHE B 139 -19.68 14.66 29.48
N TYR B 140 -20.15 13.55 30.04
CA TYR B 140 -20.39 13.46 31.49
C TYR B 140 -19.20 13.98 32.31
N ASN B 141 -18.02 13.43 32.04
CA ASN B 141 -16.80 13.81 32.76
C ASN B 141 -16.52 15.31 32.70
N ASN B 142 -16.78 15.94 31.57
CA ASN B 142 -16.46 17.35 31.35
C ASN B 142 -17.64 18.30 31.61
N GLY B 143 -18.80 17.77 31.95
CA GLY B 143 -20.01 18.57 32.01
C GLY B 143 -20.30 19.12 33.41
N THR B 144 -21.23 20.08 33.43
CA THR B 144 -21.89 20.52 34.66
C THR B 144 -22.76 19.40 35.23
N ASP B 145 -23.23 19.61 36.48
CA ASP B 145 -24.19 18.68 37.06
C ASP B 145 -25.37 18.46 36.13
N GLU B 146 -25.91 19.54 35.58
CA GLU B 146 -27.07 19.42 34.70
C GLU B 146 -26.70 18.65 33.44
N GLN B 147 -25.57 18.99 32.83
CA GLN B 147 -25.15 18.25 31.64
C GLN B 147 -24.94 16.77 31.96
N LYS B 148 -24.43 16.46 33.15
CA LYS B 148 -24.24 15.07 33.54
C LYS B 148 -25.56 14.28 33.49
N LYS B 149 -26.69 14.93 33.79
CA LYS B 149 -27.99 14.27 33.64
C LYS B 149 -28.32 14.01 32.17
N TRP B 150 -28.03 14.98 31.31
CA TRP B 150 -28.23 14.73 29.89
C TRP B 150 -27.34 13.60 29.40
N ALA B 151 -26.06 13.61 29.80
CA ALA B 151 -25.15 12.55 29.37
C ALA B 151 -25.65 11.19 29.82
N THR B 152 -26.19 11.12 31.03
CA THR B 152 -26.74 9.86 31.53
C THR B 152 -27.89 9.37 30.67
N ILE B 153 -28.80 10.29 30.31
CA ILE B 153 -29.88 9.94 29.39
C ILE B 153 -29.32 9.43 28.07
N ALA B 154 -28.41 10.21 27.48
CA ALA B 154 -27.86 9.85 26.18
C ALA B 154 -27.22 8.47 26.19
N ALA B 155 -26.50 8.13 27.27
CA ALA B 155 -25.93 6.80 27.38
C ALA B 155 -27.00 5.72 27.52
N GLU B 156 -28.01 5.97 28.36
CA GLU B 156 -29.07 4.99 28.56
C GLU B 156 -29.89 4.77 27.29
N ARG B 157 -30.11 5.81 26.50
CA ARG B 157 -30.85 5.67 25.27
C ARG B 157 -29.95 5.26 24.10
N GLY B 158 -28.63 5.23 24.30
CA GLY B 158 -27.72 4.81 23.26
C GLY B 158 -27.61 5.75 22.09
N TRP B 159 -27.76 7.07 22.32
CA TRP B 159 -27.59 8.04 21.24
C TRP B 159 -26.23 7.86 20.57
N GLY B 160 -26.18 8.14 19.28
CA GLY B 160 -24.91 8.25 18.61
C GLY B 160 -24.22 9.58 18.92
N ALA B 161 -23.00 9.71 18.43
CA ALA B 161 -22.22 10.90 18.71
C ALA B 161 -21.22 11.16 17.59
N THR B 162 -20.83 12.43 17.46
CA THR B 162 -19.77 12.80 16.54
C THR B 162 -18.79 13.71 17.25
N MET B 163 -17.57 13.79 16.70
CA MET B 163 -16.59 14.81 17.08
C MET B 163 -16.41 15.74 15.88
N VAL B 164 -16.64 17.02 16.08
CA VAL B 164 -16.81 17.94 14.96
C VAL B 164 -15.73 19.02 15.07
N LEU B 165 -14.59 18.79 14.41
CA LEU B 165 -13.48 19.74 14.38
C LEU B 165 -13.21 20.31 13.00
N THR B 166 -13.08 19.44 12.01
CA THR B 166 -12.44 19.79 10.75
C THR B 166 -13.31 20.71 9.89
N GLU B 167 -12.67 21.66 9.22
CA GLU B 167 -13.27 22.49 8.19
C GLU B 167 -12.41 22.41 6.95
N PRO B 168 -12.89 22.89 5.79
CA PRO B 168 -12.06 22.82 4.58
C PRO B 168 -10.68 23.44 4.76
N ASP B 169 -10.57 24.51 5.51
CA ASP B 169 -9.29 25.18 5.73
C ASP B 169 -8.66 24.82 7.08
N ALA B 170 -9.26 23.90 7.85
CA ALA B 170 -8.75 23.61 9.20
C ALA B 170 -8.82 22.10 9.42
N GLY B 171 -7.75 21.41 9.04
CA GLY B 171 -7.64 19.99 9.26
C GLY B 171 -6.55 19.69 10.27
N SER B 172 -5.30 19.53 9.82
CA SER B 172 -4.20 19.47 10.77
C SER B 172 -4.18 20.71 11.66
N ASP B 173 -4.45 21.88 11.09
CA ASP B 173 -4.39 23.14 11.84
C ASP B 173 -5.78 23.42 12.40
N VAL B 174 -6.14 22.66 13.45
CA VAL B 174 -7.47 22.80 14.04
C VAL B 174 -7.73 24.26 14.42
N GLY B 175 -6.70 24.96 14.89
CA GLY B 175 -6.81 26.34 15.36
C GLY B 175 -7.22 27.34 14.31
N ALA B 176 -7.18 26.97 13.02
CA ALA B 176 -7.63 27.84 11.94
C ALA B 176 -9.15 27.83 11.74
N GLY B 177 -9.89 27.00 12.47
CA GLY B 177 -11.32 26.89 12.22
C GLY B 177 -12.04 28.23 12.42
N ARG B 178 -13.05 28.47 11.60
CA ARG B 178 -13.83 29.72 11.61
C ARG B 178 -15.27 29.54 12.08
N THR B 179 -15.73 28.32 12.29
CA THR B 179 -17.08 28.14 12.85
C THR B 179 -17.21 28.99 14.10
N LYS B 180 -18.31 29.72 14.19
CA LYS B 180 -18.47 30.70 15.26
C LYS B 180 -19.59 30.28 16.18
N ALA B 181 -19.51 30.81 17.41
CA ALA B 181 -20.53 30.62 18.44
C ALA B 181 -21.01 31.98 18.90
N VAL B 182 -22.33 32.18 18.87
CA VAL B 182 -22.96 33.46 19.18
C VAL B 182 -23.74 33.30 20.46
N GLN B 183 -23.35 33.99 21.51
CA GLN B 183 -23.97 33.80 22.81
C GLN B 183 -25.38 34.37 22.84
N GLN B 184 -26.32 33.61 23.41
CA GLN B 184 -27.69 34.05 23.57
C GLN B 184 -27.90 34.58 24.98
N PRO B 185 -28.90 35.44 25.18
CA PRO B 185 -29.13 35.95 26.54
C PRO B 185 -29.36 34.84 27.55
N ASP B 186 -30.21 33.83 27.22
CA ASP B 186 -30.43 32.72 28.16
C ASP B 186 -29.17 31.80 28.36
N GLY B 187 -27.96 32.07 27.83
CA GLY B 187 -26.80 31.26 28.11
C GLY B 187 -26.52 30.14 27.12
N THR B 188 -27.45 29.82 26.22
CA THR B 188 -27.15 28.94 25.11
C THR B 188 -26.33 29.70 24.07
N TRP B 189 -25.86 29.00 23.04
CA TRP B 189 -25.11 29.59 21.94
C TRP B 189 -25.73 29.17 20.62
N HIS B 190 -25.57 29.99 19.59
CA HIS B 190 -25.98 29.61 18.25
C HIS B 190 -24.70 29.40 17.44
N ILE B 191 -24.53 28.19 16.90
CA ILE B 191 -23.31 27.77 16.20
C ILE B 191 -23.54 27.98 14.71
N GLU B 192 -22.56 28.60 14.04
CA GLU B 192 -22.68 28.98 12.63
C GLU B 192 -21.38 28.63 11.92
N GLY B 193 -21.44 27.66 11.01
CA GLY B 193 -20.29 27.30 10.20
C GLY B 193 -20.55 26.02 9.46
N VAL B 194 -19.59 25.65 8.61
CA VAL B 194 -19.64 24.42 7.83
C VAL B 194 -18.41 23.60 8.20
N LYS B 195 -18.65 22.38 8.65
CA LYS B 195 -17.59 21.46 9.01
C LYS B 195 -17.57 20.37 7.95
N ARG B 196 -16.46 19.64 7.87
CA ARG B 196 -16.23 18.69 6.78
C ARG B 196 -15.60 17.41 7.33
N PHE B 197 -15.83 16.29 6.60
CA PHE B 197 -15.29 14.98 6.94
C PHE B 197 -15.79 14.46 8.29
N ILE B 198 -17.02 14.74 8.67
CA ILE B 198 -17.50 14.38 10.00
C ILE B 198 -18.07 12.97 9.96
N THR B 199 -17.40 12.06 10.67
CA THR B 199 -17.84 10.67 10.72
C THR B 199 -19.15 10.54 11.48
N SER B 200 -20.12 9.83 10.89
CA SER B 200 -21.39 9.45 11.49
C SER B 200 -22.33 10.62 11.70
N ALA B 201 -22.14 11.71 10.96
CA ALA B 201 -22.91 12.92 11.24
C ALA B 201 -24.39 12.72 10.95
N ASP B 202 -24.73 11.79 10.06
CA ASP B 202 -26.03 11.16 10.10
C ASP B 202 -25.85 9.65 10.02
N SER B 203 -26.78 8.91 10.62
CA SER B 203 -26.64 7.46 10.67
C SER B 203 -27.98 6.78 10.47
N ASP B 204 -28.75 7.27 9.50
CA ASP B 204 -30.03 6.62 9.15
C ASP B 204 -30.86 6.58 10.43
N ASP B 205 -31.55 5.46 10.70
CA ASP B 205 -32.41 5.32 11.86
C ASP B 205 -31.79 4.45 12.95
N LEU B 206 -30.45 4.40 13.01
CA LEU B 206 -29.79 3.61 14.06
C LEU B 206 -30.12 4.14 15.44
N PHE B 207 -30.18 5.48 15.60
CA PHE B 207 -30.32 6.14 16.90
C PHE B 207 -31.51 7.09 16.88
N GLU B 208 -32.05 7.39 18.07
CA GLU B 208 -33.10 8.39 18.14
C GLU B 208 -32.54 9.82 18.22
N ASN B 209 -31.24 9.95 18.47
CA ASN B 209 -30.60 11.26 18.54
C ASN B 209 -29.10 11.07 18.34
N ILE B 210 -28.44 12.15 17.98
CA ILE B 210 -26.99 12.19 17.84
C ILE B 210 -26.47 13.40 18.61
N MET B 211 -25.47 13.18 19.46
CA MET B 211 -24.76 14.27 20.13
C MET B 211 -23.56 14.68 19.29
N HIS B 212 -23.63 15.87 18.68
CA HIS B 212 -22.47 16.47 18.01
C HIS B 212 -21.66 17.26 19.03
N LEU B 213 -20.40 16.90 19.23
CA LEU B 213 -19.51 17.70 20.08
C LEU B 213 -18.71 18.59 19.14
N VAL B 214 -18.99 19.90 19.15
CA VAL B 214 -18.58 20.81 18.09
C VAL B 214 -17.59 21.84 18.65
N LEU B 215 -16.42 21.91 18.03
CA LEU B 215 -15.50 23.02 18.29
C LEU B 215 -15.94 24.24 17.50
N ALA B 216 -15.98 25.40 18.18
CA ALA B 216 -16.37 26.64 17.54
C ALA B 216 -15.72 27.79 18.32
N ARG B 217 -15.59 28.95 17.67
CA ARG B 217 -14.90 30.08 18.27
C ARG B 217 -15.94 31.10 18.76
N PRO B 218 -16.08 31.33 20.06
CA PRO B 218 -17.01 32.39 20.50
C PRO B 218 -16.65 33.70 19.84
N GLU B 219 -17.67 34.46 19.45
CA GLU B 219 -17.43 35.79 18.92
C GLU B 219 -16.48 36.54 19.82
N GLY B 220 -15.46 37.16 19.21
CA GLY B 220 -14.49 37.93 19.96
C GLY B 220 -13.43 37.15 20.71
N ALA B 221 -13.42 35.83 20.63
CA ALA B 221 -12.39 35.07 21.28
C ALA B 221 -11.08 35.17 20.49
N GLY B 222 -9.97 34.85 21.14
CA GLY B 222 -8.68 34.94 20.51
C GLY B 222 -8.50 33.88 19.44
N PRO B 223 -7.35 33.94 18.75
CA PRO B 223 -7.08 33.01 17.65
C PRO B 223 -6.50 31.68 18.10
N GLY B 224 -6.28 30.76 17.15
CA GLY B 224 -5.66 29.49 17.48
C GLY B 224 -6.59 28.53 18.18
N THR B 225 -6.03 27.38 18.57
CA THR B 225 -6.80 26.42 19.34
C THR B 225 -7.21 26.99 20.69
N LYS B 226 -6.40 27.90 21.25
CA LYS B 226 -6.70 28.40 22.58
C LYS B 226 -8.01 29.19 22.61
N GLY B 227 -8.44 29.75 21.48
CA GLY B 227 -9.68 30.51 21.38
C GLY B 227 -10.93 29.67 21.15
N LEU B 228 -10.79 28.35 21.02
CA LEU B 228 -11.89 27.48 20.69
C LEU B 228 -12.61 27.00 21.94
N SER B 229 -13.93 26.91 21.85
CA SER B 229 -14.73 26.27 22.88
C SER B 229 -15.46 25.06 22.30
N LEU B 230 -15.90 24.17 23.18
CA LEU B 230 -16.56 22.92 22.81
C LEU B 230 -18.03 22.99 23.19
N PHE B 231 -18.89 22.59 22.27
CA PHE B 231 -20.34 22.74 22.40
C PHE B 231 -21.05 21.42 22.21
N PHE B 232 -22.01 21.16 23.08
CA PHE B 232 -22.94 20.03 22.94
C PHE B 232 -24.08 20.48 22.01
N VAL B 233 -24.13 19.90 20.81
CA VAL B 233 -25.09 20.30 19.78
C VAL B 233 -25.92 19.08 19.38
N PRO B 234 -27.10 18.86 19.94
CA PRO B 234 -27.86 17.65 19.59
C PRO B 234 -28.55 17.77 18.25
N LYS B 235 -28.64 16.64 17.54
CA LYS B 235 -29.40 16.63 16.29
C LYS B 235 -30.84 17.06 16.51
N PHE B 236 -31.46 16.55 17.56
CA PHE B 236 -32.79 16.96 17.99
C PHE B 236 -32.68 17.61 19.35
N HIS B 237 -33.40 18.72 19.53
CA HIS B 237 -33.71 19.16 20.87
C HIS B 237 -34.42 18.02 21.62
N PHE B 238 -34.35 18.07 22.94
CA PHE B 238 -34.98 17.02 23.73
C PHE B 238 -35.34 17.56 25.10
N ASP B 239 -36.22 16.83 25.75
CA ASP B 239 -36.64 17.16 27.12
C ASP B 239 -35.50 16.84 28.07
N HIS B 240 -34.95 17.89 28.71
CA HIS B 240 -33.77 17.67 29.54
C HIS B 240 -34.07 16.83 30.78
N GLU B 241 -35.34 16.63 31.13
CA GLU B 241 -35.66 15.82 32.29
C GLU B 241 -35.88 14.37 31.92
N THR B 242 -36.68 14.12 30.87
CA THR B 242 -37.09 12.78 30.51
C THR B 242 -36.34 12.20 29.31
N GLY B 243 -35.72 13.05 28.49
CA GLY B 243 -35.05 12.58 27.31
C GLY B 243 -35.94 12.48 26.07
N GLU B 244 -37.22 12.80 26.20
CA GLU B 244 -38.12 12.71 25.04
C GLU B 244 -37.65 13.61 23.91
N ILE B 245 -37.63 13.07 22.69
CA ILE B 245 -37.09 13.81 21.55
C ILE B 245 -38.05 14.91 21.11
N GLY B 246 -37.50 16.09 20.84
CA GLY B 246 -38.29 17.25 20.45
C GLY B 246 -37.98 17.78 19.06
N GLU B 247 -37.91 19.09 18.92
CA GLU B 247 -37.77 19.73 17.61
C GLU B 247 -36.38 19.50 17.01
N ARG B 248 -36.33 19.32 15.69
CA ARG B 248 -35.04 19.18 15.00
C ARG B 248 -34.21 20.45 15.19
N ASN B 249 -32.98 20.28 15.68
CA ASN B 249 -32.01 21.35 15.86
C ASN B 249 -31.37 21.68 14.52
N GLY B 250 -30.81 22.90 14.40
CA GLY B 250 -30.39 23.40 13.09
C GLY B 250 -29.04 22.92 12.57
N VAL B 251 -28.82 21.60 12.55
CA VAL B 251 -27.51 21.05 12.23
C VAL B 251 -27.76 19.93 11.21
N PHE B 252 -27.33 20.14 9.96
CA PHE B 252 -27.77 19.32 8.83
C PHE B 252 -26.59 18.87 7.96
N VAL B 253 -26.59 17.57 7.65
CA VAL B 253 -25.63 17.05 6.67
C VAL B 253 -25.98 17.58 5.30
N THR B 254 -24.97 18.11 4.60
CA THR B 254 -25.16 18.65 3.26
C THR B 254 -24.29 17.96 2.22
N ASN B 255 -23.50 16.96 2.61
CA ASN B 255 -22.78 16.15 1.63
C ASN B 255 -22.26 14.89 2.32
N VAL B 256 -22.09 13.83 1.55
CA VAL B 256 -21.50 12.58 2.03
C VAL B 256 -20.42 12.17 1.03
N GLU B 257 -19.19 11.99 1.51
CA GLU B 257 -18.04 11.80 0.62
C GLU B 257 -18.07 10.41 -0.01
N HIS B 258 -17.51 10.32 -1.24
CA HIS B 258 -17.22 9.05 -1.91
C HIS B 258 -15.76 8.70 -1.63
N LYS B 259 -15.52 7.60 -0.91
CA LYS B 259 -14.20 7.29 -0.38
C LYS B 259 -13.62 6.02 -0.99
N MET B 260 -12.30 5.90 -0.84
CA MET B 260 -11.58 4.71 -1.30
C MET B 260 -12.09 3.45 -0.60
N GLY B 261 -12.38 3.56 0.69
CA GLY B 261 -12.78 2.45 1.53
C GLY B 261 -13.49 3.01 2.74
N LEU B 262 -13.67 2.15 3.75
CA LEU B 262 -14.57 2.48 4.87
C LEU B 262 -15.86 3.12 4.39
N LYS B 263 -16.41 2.59 3.29
CA LYS B 263 -17.51 3.27 2.61
C LYS B 263 -18.77 3.36 3.47
N VAL B 264 -19.01 2.35 4.31
CA VAL B 264 -20.25 2.33 5.09
C VAL B 264 -20.24 3.33 6.23
N SER B 265 -19.11 3.98 6.48
CA SER B 265 -19.01 5.04 7.49
C SER B 265 -19.31 6.35 6.80
N ALA B 266 -20.49 6.89 7.04
CA ALA B 266 -20.89 8.12 6.39
C ALA B 266 -20.00 9.27 6.85
N THR B 267 -19.30 9.89 5.91
CA THR B 267 -18.31 10.95 6.17
C THR B 267 -18.89 12.22 5.55
N CYS B 268 -19.20 13.23 6.38
CA CYS B 268 -20.24 14.19 6.04
C CYS B 268 -19.77 15.63 6.12
N GLU B 269 -20.20 16.43 5.16
CA GLU B 269 -20.20 17.87 5.38
C GLU B 269 -21.36 18.19 6.32
N LEU B 270 -21.09 19.00 7.34
CA LEU B 270 -22.07 19.27 8.38
C LEU B 270 -22.27 20.78 8.47
N SER B 271 -23.47 21.25 8.13
CA SER B 271 -23.80 22.68 8.10
C SER B 271 -24.54 23.08 9.37
N LEU B 272 -24.00 24.07 10.08
CA LEU B 272 -24.56 24.49 11.37
C LEU B 272 -25.14 25.88 11.19
N GLY B 273 -26.45 26.01 11.42
CA GLY B 273 -27.10 27.32 11.34
C GLY B 273 -27.16 27.92 9.96
N GLN B 274 -27.09 27.10 8.90
CA GLN B 274 -27.11 27.62 7.54
C GLN B 274 -28.46 27.51 6.86
N HIS B 275 -29.45 26.86 7.49
CA HIS B 275 -30.73 26.59 6.85
C HIS B 275 -31.88 27.34 7.54
N GLY B 276 -31.59 28.52 8.08
CA GLY B 276 -32.61 29.34 8.72
C GLY B 276 -33.09 28.85 10.06
N ILE B 277 -32.45 27.82 10.61
CA ILE B 277 -32.79 27.23 11.90
C ILE B 277 -31.54 27.28 12.74
N PRO B 278 -31.57 27.89 13.92
CA PRO B 278 -30.34 27.91 14.74
C PRO B 278 -29.86 26.52 15.14
N ALA B 279 -28.54 26.36 15.11
CA ALA B 279 -27.86 25.20 15.70
C ALA B 279 -27.57 25.60 17.13
N VAL B 280 -28.45 25.22 18.04
CA VAL B 280 -28.25 25.58 19.45
C VAL B 280 -27.19 24.68 20.05
N GLY B 281 -26.20 25.29 20.70
CA GLY B 281 -25.16 24.56 21.40
C GLY B 281 -25.12 24.98 22.86
N TRP B 282 -24.75 24.03 23.72
CA TRP B 282 -24.52 24.28 25.13
C TRP B 282 -23.03 24.15 25.42
N LEU B 283 -22.46 25.17 26.06
CA LEU B 283 -21.03 25.20 26.35
C LEU B 283 -20.66 24.05 27.28
N VAL B 284 -19.75 23.18 26.83
CA VAL B 284 -19.45 21.99 27.62
C VAL B 284 -18.78 22.39 28.93
N GLY B 285 -19.31 21.87 30.05
CA GLY B 285 -18.85 22.26 31.37
C GLY B 285 -19.09 23.71 31.70
N GLU B 286 -19.79 24.44 30.84
CA GLU B 286 -19.98 25.88 30.99
C GLU B 286 -18.68 26.61 31.27
N VAL B 287 -17.60 26.16 30.63
CA VAL B 287 -16.30 26.83 30.66
C VAL B 287 -15.74 26.85 29.25
N HIS B 288 -14.88 27.82 28.98
CA HIS B 288 -14.24 27.96 27.67
C HIS B 288 -12.91 27.23 27.74
N ASN B 289 -12.89 25.97 27.31
CA ASN B 289 -11.67 25.16 27.37
C ASN B 289 -11.69 24.11 26.26
N GLY B 290 -11.92 24.54 25.04
CA GLY B 290 -12.39 23.62 24.02
C GLY B 290 -11.35 22.61 23.55
N ILE B 291 -10.15 23.07 23.23
CA ILE B 291 -9.18 22.11 22.68
C ILE B 291 -8.76 21.09 23.74
N ALA B 292 -8.61 21.52 24.99
CA ALA B 292 -8.32 20.53 26.04
C ALA B 292 -9.47 19.53 26.21
N GLN B 293 -10.72 20.00 26.22
CA GLN B 293 -11.84 19.06 26.36
C GLN B 293 -11.90 18.12 25.18
N MET B 294 -11.73 18.65 23.97
CA MET B 294 -11.84 17.81 22.79
C MET B 294 -10.71 16.77 22.73
N PHE B 295 -9.54 17.06 23.31
CA PHE B 295 -8.48 16.04 23.26
C PHE B 295 -8.80 14.81 24.09
N ASP B 296 -9.72 14.91 25.07
CA ASP B 296 -10.27 13.70 25.69
C ASP B 296 -10.87 12.77 24.62
N VAL B 297 -11.56 13.36 23.66
CA VAL B 297 -12.17 12.60 22.56
C VAL B 297 -11.09 12.17 21.58
N ILE B 298 -10.20 13.09 21.20
CA ILE B 298 -9.15 12.78 20.24
C ILE B 298 -8.28 11.63 20.74
N GLU B 299 -7.96 11.62 22.03
CA GLU B 299 -7.11 10.54 22.56
C GLU B 299 -7.74 9.18 22.34
N GLN B 300 -9.04 9.07 22.57
CA GLN B 300 -9.73 7.79 22.38
C GLN B 300 -9.83 7.44 20.91
N ALA B 301 -10.07 8.44 20.06
CA ALA B 301 -10.12 8.19 18.61
C ALA B 301 -8.78 7.69 18.09
N ARG B 302 -7.67 8.26 18.58
CA ARG B 302 -6.36 7.81 18.12
C ARG B 302 -6.08 6.39 18.59
N MET B 303 -6.48 6.05 19.82
CA MET B 303 -6.35 4.67 20.29
C MET B 303 -7.16 3.73 19.42
N MET B 304 -8.41 4.12 19.13
CA MET B 304 -9.28 3.29 18.30
C MET B 304 -8.68 3.07 16.91
N VAL B 305 -8.15 4.15 16.30
CA VAL B 305 -7.65 4.04 14.94
C VAL B 305 -6.44 3.13 14.89
N GLY B 306 -5.53 3.27 15.86
CA GLY B 306 -4.41 2.34 15.92
C GLY B 306 -4.86 0.91 16.12
N THR B 307 -5.82 0.71 17.03
CA THR B 307 -6.31 -0.65 17.28
C THR B 307 -7.00 -1.20 16.05
N LYS B 308 -7.70 -0.33 15.31
CA LYS B 308 -8.36 -0.75 14.08
C LYS B 308 -7.35 -1.27 13.06
N ALA B 309 -6.29 -0.50 12.81
CA ALA B 309 -5.30 -0.94 11.83
C ALA B 309 -4.72 -2.28 12.23
N ILE B 310 -4.41 -2.45 13.52
CA ILE B 310 -3.82 -3.70 13.98
C ILE B 310 -4.81 -4.85 13.85
N ALA B 311 -6.06 -4.63 14.25
CA ALA B 311 -7.10 -5.65 14.08
C ALA B 311 -7.21 -6.08 12.63
N THR B 312 -7.06 -5.13 11.71
CA THR B 312 -7.22 -5.45 10.30
C THR B 312 -6.01 -6.20 9.75
N LEU B 313 -4.80 -5.80 10.13
CA LEU B 313 -3.64 -6.58 9.75
C LEU B 313 -3.74 -8.01 10.29
N SER B 314 -4.25 -8.19 11.50
CA SER B 314 -4.32 -9.53 12.07
C SER B 314 -5.23 -10.46 11.24
N THR B 315 -6.44 -10.00 10.90
CA THR B 315 -7.29 -10.86 10.08
C THR B 315 -6.77 -10.97 8.64
N GLY B 316 -6.09 -9.94 8.13
CA GLY B 316 -5.45 -10.10 6.83
C GLY B 316 -4.41 -11.21 6.85
N TYR B 317 -3.55 -11.21 7.87
CA TYR B 317 -2.57 -12.27 8.00
C TYR B 317 -3.23 -13.64 8.12
N LEU B 318 -4.24 -13.76 8.99
CA LEU B 318 -4.81 -15.09 9.19
C LEU B 318 -5.53 -15.58 7.94
N ASN B 319 -6.12 -14.69 7.16
CA ASN B 319 -6.66 -15.06 5.86
C ASN B 319 -5.55 -15.53 4.91
N ALA B 320 -4.43 -14.79 4.86
CA ALA B 320 -3.36 -15.21 3.95
C ALA B 320 -2.79 -16.57 4.37
N LEU B 321 -2.60 -16.75 5.69
CA LEU B 321 -2.05 -18.01 6.18
C LEU B 321 -2.95 -19.20 5.82
N GLU B 322 -4.26 -19.06 6.03
CA GLU B 322 -5.15 -20.17 5.73
C GLU B 322 -5.18 -20.45 4.23
N TYR B 323 -5.07 -19.40 3.40
CA TYR B 323 -4.91 -19.62 1.96
C TYR B 323 -3.62 -20.36 1.65
N ALA B 324 -2.49 -19.88 2.20
CA ALA B 324 -1.19 -20.49 1.88
C ALA B 324 -1.15 -21.94 2.30
N LYS B 325 -1.83 -22.29 3.40
CA LYS B 325 -1.82 -23.68 3.83
C LYS B 325 -2.45 -24.61 2.80
N GLU B 326 -3.40 -24.10 2.00
CA GLU B 326 -4.13 -24.96 1.09
C GLU B 326 -3.69 -24.85 -0.36
N ARG B 327 -3.00 -23.78 -0.75
CA ARG B 327 -2.67 -23.54 -2.16
C ARG B 327 -1.47 -24.38 -2.58
N VAL B 328 -1.66 -25.30 -3.51
CA VAL B 328 -0.54 -26.05 -4.09
C VAL B 328 -0.01 -25.30 -5.31
N GLN B 329 1.29 -25.02 -5.31
CA GLN B 329 1.92 -24.39 -6.47
C GLN B 329 3.42 -24.63 -6.42
N GLY B 330 3.94 -25.34 -7.43
CA GLY B 330 5.37 -25.48 -7.61
C GLY B 330 5.98 -26.60 -6.80
N ALA B 331 7.26 -26.85 -7.04
CA ALA B 331 8.03 -27.87 -6.35
C ALA B 331 8.76 -27.26 -5.17
N ASP B 332 9.15 -28.12 -4.23
CA ASP B 332 10.03 -27.63 -3.17
C ASP B 332 11.31 -27.06 -3.76
N MET B 333 11.84 -26.01 -3.11
CA MET B 333 13.03 -25.40 -3.68
C MET B 333 14.20 -26.38 -3.71
N THR B 334 14.22 -27.36 -2.80
CA THR B 334 15.27 -28.38 -2.86
C THR B 334 15.11 -29.30 -4.05
N GLN B 335 14.00 -29.22 -4.79
CA GLN B 335 13.80 -30.05 -5.98
C GLN B 335 13.51 -29.22 -7.22
N MET B 336 13.89 -27.94 -7.23
CA MET B 336 13.44 -27.03 -8.28
C MET B 336 13.95 -27.43 -9.67
N THR B 337 15.04 -28.18 -9.75
CA THR B 337 15.57 -28.60 -11.05
C THR B 337 14.86 -29.84 -11.60
N ASP B 338 14.22 -30.62 -10.74
CA ASP B 338 13.50 -31.83 -11.13
C ASP B 338 12.07 -31.47 -11.51
N LYS B 339 11.78 -31.49 -12.81
CA LYS B 339 10.47 -31.08 -13.31
C LYS B 339 9.38 -32.13 -13.08
N THR B 340 9.70 -33.28 -12.50
CA THR B 340 8.69 -34.24 -12.05
C THR B 340 8.57 -34.32 -10.52
N ALA B 341 9.25 -33.44 -9.78
CA ALA B 341 9.12 -33.47 -8.32
C ALA B 341 7.66 -33.26 -7.91
N PRO B 342 7.26 -33.75 -6.75
CA PRO B 342 5.91 -33.48 -6.24
C PRO B 342 5.65 -31.99 -6.07
N ARG B 343 4.42 -31.57 -6.34
CA ARG B 343 4.03 -30.19 -6.06
C ARG B 343 3.78 -30.03 -4.56
N VAL B 344 4.02 -28.82 -4.04
CA VAL B 344 3.93 -28.58 -2.61
C VAL B 344 2.98 -27.41 -2.37
N THR B 345 2.40 -27.37 -1.16
CA THR B 345 1.68 -26.16 -0.76
C THR B 345 2.66 -25.02 -0.55
N ILE B 346 2.19 -23.79 -0.74
CA ILE B 346 3.14 -22.69 -0.87
C ILE B 346 3.76 -22.29 0.45
N THR B 347 3.26 -22.78 1.59
CA THR B 347 3.97 -22.55 2.84
C THR B 347 5.35 -23.21 2.80
N HIS B 348 5.62 -24.08 1.83
CA HIS B 348 6.93 -24.69 1.73
C HIS B 348 7.95 -23.75 1.09
N HIS B 349 7.51 -22.68 0.51
CA HIS B 349 8.38 -21.81 -0.25
C HIS B 349 9.03 -20.79 0.67
N PRO B 350 10.35 -20.60 0.59
CA PRO B 350 10.99 -19.60 1.48
C PRO B 350 10.39 -18.20 1.43
N ASP B 351 10.16 -17.64 0.24
CA ASP B 351 9.60 -16.29 0.24
C ASP B 351 8.23 -16.23 0.91
N VAL B 352 7.40 -17.27 0.78
CA VAL B 352 6.09 -17.26 1.43
C VAL B 352 6.23 -17.37 2.94
N ARG B 353 7.17 -18.18 3.43
CA ARG B 353 7.39 -18.21 4.88
C ARG B 353 7.93 -16.89 5.38
N ARG B 354 8.82 -16.27 4.62
CA ARG B 354 9.30 -14.94 4.96
C ARG B 354 8.13 -13.99 5.02
N SER B 355 7.33 -13.94 3.96
CA SER B 355 6.15 -13.09 3.97
C SER B 355 5.26 -13.35 5.19
N LEU B 356 4.89 -14.62 5.41
CA LEU B 356 3.99 -14.95 6.51
C LEU B 356 4.56 -14.58 7.88
N MET B 357 5.87 -14.83 8.10
CA MET B 357 6.42 -14.49 9.41
C MET B 357 6.58 -12.98 9.58
N THR B 358 6.82 -12.27 8.48
CA THR B 358 6.75 -10.80 8.54
C THR B 358 5.37 -10.34 8.98
N GLN B 359 4.32 -10.87 8.34
CA GLN B 359 2.96 -10.51 8.74
C GLN B 359 2.68 -10.91 10.18
N LYS B 360 3.06 -12.13 10.53
CA LYS B 360 2.81 -12.63 11.89
C LYS B 360 3.47 -11.75 12.94
N ALA B 361 4.78 -11.51 12.77
CA ALA B 361 5.55 -10.79 13.78
C ALA B 361 5.04 -9.37 13.93
N TYR B 362 4.72 -8.71 12.81
CA TYR B 362 4.15 -7.37 12.93
C TYR B 362 2.73 -7.37 13.51
N ALA B 363 1.87 -8.31 13.11
CA ALA B 363 0.52 -8.35 13.69
C ALA B 363 0.59 -8.60 15.19
N GLU B 364 1.43 -9.55 15.60
CA GLU B 364 1.47 -9.90 17.01
C GLU B 364 2.24 -8.86 17.82
N GLY B 365 3.29 -8.26 17.24
CA GLY B 365 4.01 -7.22 17.95
C GLY B 365 3.14 -5.99 18.13
N LEU B 366 2.32 -5.67 17.12
CA LEU B 366 1.39 -4.55 17.24
C LEU B 366 0.29 -4.84 18.27
N ARG B 367 -0.21 -6.07 18.31
CA ARG B 367 -1.20 -6.38 19.35
C ARG B 367 -0.59 -6.19 20.73
N ALA B 368 0.62 -6.69 20.94
CA ALA B 368 1.29 -6.49 22.22
C ALA B 368 1.42 -4.99 22.52
N ILE B 369 1.69 -4.17 21.51
CA ILE B 369 1.90 -2.74 21.76
C ILE B 369 0.60 -2.07 22.24
N TYR B 370 -0.53 -2.34 21.58
CA TYR B 370 -1.73 -1.63 22.03
C TYR B 370 -2.22 -2.16 23.38
N LEU B 371 -2.04 -3.45 23.65
CA LEU B 371 -2.40 -3.96 24.97
C LEU B 371 -1.45 -3.45 26.05
N TYR B 372 -0.15 -3.44 25.78
CA TYR B 372 0.81 -2.78 26.69
C TYR B 372 0.40 -1.33 26.97
N THR B 373 0.09 -0.58 25.91
CA THR B 373 -0.33 0.81 26.09
C THR B 373 -1.56 0.89 27.00
N ALA B 374 -2.53 0.00 26.78
CA ALA B 374 -3.74 0.05 27.58
C ALA B 374 -3.49 -0.27 29.05
N THR B 375 -2.39 -0.98 29.37
CA THR B 375 -2.13 -1.28 30.79
C THR B 375 -1.74 -0.02 31.56
N PHE B 376 -1.41 1.07 30.87
CA PHE B 376 -1.09 2.33 31.53
C PHE B 376 -2.29 3.25 31.61
N GLN B 377 -3.44 2.84 31.07
CA GLN B 377 -4.63 3.68 31.03
C GLN B 377 -5.52 3.54 32.26
N ASP B 378 -5.21 2.62 33.19
CA ASP B 378 -5.81 2.57 34.52
C ASP B 378 -4.70 2.67 35.56
N ALA B 379 -4.84 3.58 36.52
CA ALA B 379 -3.83 3.68 37.57
C ALA B 379 -3.66 2.36 38.29
N GLU B 380 -4.77 1.64 38.54
CA GLU B 380 -4.71 0.39 39.30
C GLU B 380 -4.01 -0.73 38.53
N VAL B 381 -4.19 -0.77 37.22
CA VAL B 381 -3.49 -1.77 36.42
C VAL B 381 -2.01 -1.46 36.32
N ALA B 382 -1.68 -0.19 36.00
CA ALA B 382 -0.29 0.21 35.90
C ALA B 382 0.45 -0.06 37.20
N GLN B 383 -0.21 0.15 38.34
CA GLN B 383 0.40 -0.11 39.64
C GLN B 383 0.62 -1.60 39.83
N ALA B 384 -0.44 -2.38 39.65
CA ALA B 384 -0.36 -3.82 39.89
C ALA B 384 0.59 -4.51 38.93
N VAL B 385 0.56 -4.16 37.64
CA VAL B 385 1.33 -4.94 36.67
C VAL B 385 2.74 -4.38 36.42
N HIS B 386 2.94 -3.07 36.58
CA HIS B 386 4.24 -2.45 36.30
C HIS B 386 4.86 -1.78 37.53
N GLY B 387 4.10 -1.58 38.58
CA GLY B 387 4.61 -0.89 39.76
C GLY B 387 4.86 0.59 39.56
N VAL B 388 4.14 1.25 38.64
CA VAL B 388 4.32 2.68 38.40
C VAL B 388 3.10 3.43 38.91
N ASP B 389 3.34 4.63 39.46
CA ASP B 389 2.29 5.45 40.03
C ASP B 389 1.46 6.13 38.94
N GLY B 390 0.35 6.72 39.36
CA GLY B 390 -0.61 7.27 38.41
C GLY B 390 -0.03 8.33 37.49
N ASP B 391 0.85 9.20 38.01
CA ASP B 391 1.34 10.28 37.16
C ASP B 391 2.23 9.77 36.03
N LEU B 392 3.16 8.86 36.35
CA LEU B 392 4.04 8.32 35.32
C LEU B 392 3.26 7.48 34.32
N ALA B 393 2.27 6.71 34.79
CA ALA B 393 1.44 5.90 33.90
C ALA B 393 0.75 6.77 32.85
N ALA B 394 0.21 7.92 33.29
CA ALA B 394 -0.44 8.81 32.34
C ALA B 394 0.54 9.32 31.30
N ARG B 395 1.75 9.69 31.73
CA ARG B 395 2.75 10.18 30.78
C ARG B 395 3.23 9.08 29.84
N VAL B 396 3.26 7.84 30.33
CA VAL B 396 3.65 6.72 29.46
C VAL B 396 2.53 6.39 28.49
N ASN B 397 1.29 6.33 28.96
CA ASN B 397 0.19 6.21 28.02
C ASN B 397 0.26 7.31 26.95
N ASP B 398 0.52 8.56 27.38
CA ASP B 398 0.58 9.66 26.42
C ASP B 398 1.71 9.46 25.41
N LEU B 399 2.86 8.96 25.88
CA LEU B 399 3.96 8.67 24.98
C LEU B 399 3.55 7.62 23.94
N LEU B 400 2.79 6.60 24.37
CA LEU B 400 2.56 5.44 23.50
C LEU B 400 1.43 5.65 22.51
N LEU B 401 0.52 6.58 22.77
CA LEU B 401 -0.62 6.75 21.88
C LEU B 401 -0.18 7.06 20.45
N PRO B 402 0.76 7.99 20.21
CA PRO B 402 1.16 8.25 18.81
C PRO B 402 1.84 7.05 18.18
N ILE B 403 2.41 6.14 18.98
CA ILE B 403 2.95 4.91 18.42
C ILE B 403 1.81 3.97 18.02
N VAL B 404 0.83 3.76 18.90
CA VAL B 404 -0.32 2.94 18.52
C VAL B 404 -0.96 3.48 17.25
N LYS B 405 -1.19 4.80 17.23
CA LYS B 405 -1.86 5.41 16.08
C LYS B 405 -0.93 5.49 14.87
N GLY B 406 0.22 6.18 15.02
CA GLY B 406 1.06 6.48 13.86
C GLY B 406 1.75 5.24 13.32
N PHE B 407 2.45 4.52 14.19
CA PHE B 407 3.17 3.31 13.77
C PHE B 407 2.19 2.19 13.46
N GLY B 408 1.10 2.06 14.25
CA GLY B 408 0.09 1.07 13.94
C GLY B 408 -0.55 1.27 12.57
N SER B 409 -0.98 2.50 12.28
CA SER B 409 -1.62 2.74 10.98
C SER B 409 -0.67 2.49 9.82
N GLU B 410 0.54 3.05 9.90
CA GLU B 410 1.47 2.92 8.79
C GLU B 410 1.88 1.47 8.59
N THR B 411 2.17 0.76 9.69
CA THR B 411 2.67 -0.61 9.58
C THR B 411 1.60 -1.55 9.03
N ALA B 412 0.37 -1.45 9.54
CA ALA B 412 -0.67 -2.40 9.13
C ALA B 412 -0.94 -2.31 7.64
N TYR B 413 -1.08 -1.07 7.14
CA TYR B 413 -1.33 -0.89 5.71
C TYR B 413 -0.19 -1.46 4.88
N ALA B 414 1.05 -1.22 5.30
CA ALA B 414 2.21 -1.69 4.56
C ALA B 414 2.28 -3.22 4.56
N LYS B 415 2.01 -3.85 5.71
CA LYS B 415 2.17 -5.31 5.73
C LYS B 415 0.98 -6.05 5.14
N LEU B 416 -0.19 -5.40 5.04
CA LEU B 416 -1.27 -6.01 4.28
C LEU B 416 -0.87 -6.24 2.83
N THR B 417 0.13 -5.49 2.33
CA THR B 417 0.65 -5.76 1.00
C THR B 417 1.17 -7.18 0.90
N GLU B 418 1.87 -7.64 1.94
CA GLU B 418 2.36 -9.03 1.99
C GLU B 418 1.20 -10.02 2.09
N SER B 419 0.17 -9.70 2.88
CA SER B 419 -1.01 -10.55 2.96
C SER B 419 -1.65 -10.74 1.58
N LEU B 420 -1.86 -9.64 0.85
CA LEU B 420 -2.45 -9.79 -0.48
C LEU B 420 -1.53 -10.58 -1.40
N GLN B 421 -0.23 -10.30 -1.36
CA GLN B 421 0.73 -10.97 -2.25
C GLN B 421 0.69 -12.50 -2.06
N THR B 422 0.44 -12.94 -0.83
CA THR B 422 0.40 -14.36 -0.49
C THR B 422 -0.67 -15.10 -1.26
N LEU B 423 -1.76 -14.42 -1.64
CA LEU B 423 -2.82 -15.04 -2.43
C LEU B 423 -2.51 -15.08 -3.91
N GLY B 424 -1.39 -14.51 -4.35
CA GLY B 424 -1.14 -14.46 -5.77
C GLY B 424 -2.17 -13.60 -6.49
N GLY B 425 -2.46 -13.95 -7.73
CA GLY B 425 -3.45 -13.17 -8.47
C GLY B 425 -4.80 -13.08 -7.78
N SER B 426 -5.18 -14.12 -7.04
CA SER B 426 -6.47 -14.10 -6.35
C SER B 426 -6.56 -12.97 -5.32
N GLY B 427 -5.41 -12.53 -4.80
CA GLY B 427 -5.45 -11.45 -3.80
C GLY B 427 -5.97 -10.15 -4.36
N PHE B 428 -5.88 -9.96 -5.69
CA PHE B 428 -6.40 -8.79 -6.37
C PHE B 428 -7.91 -8.84 -6.57
N LEU B 429 -8.55 -9.98 -6.26
CA LEU B 429 -9.97 -10.16 -6.46
C LEU B 429 -10.77 -9.64 -5.26
N GLN B 430 -11.93 -9.05 -5.54
CA GLN B 430 -12.84 -8.74 -4.43
C GLN B 430 -13.44 -9.99 -3.79
N ASP B 431 -13.29 -11.16 -4.42
CA ASP B 431 -13.75 -12.41 -3.82
C ASP B 431 -13.09 -12.67 -2.49
N TYR B 432 -11.89 -12.15 -2.28
CA TYR B 432 -11.18 -12.27 -1.00
C TYR B 432 -11.16 -10.92 -0.32
N PRO B 433 -11.03 -10.88 1.01
CA PRO B 433 -11.24 -9.63 1.74
C PRO B 433 -10.02 -8.73 1.84
N ILE B 434 -8.86 -9.17 1.36
CA ILE B 434 -7.64 -8.40 1.64
C ILE B 434 -7.64 -7.08 0.88
N GLU B 435 -8.22 -7.04 -0.32
CA GLU B 435 -8.18 -5.74 -1.02
C GLU B 435 -9.09 -4.72 -0.30
N GLN B 436 -10.19 -5.18 0.30
CA GLN B 436 -10.98 -4.24 1.09
C GLN B 436 -10.29 -3.88 2.38
N TYR B 437 -9.57 -4.83 3.00
CA TYR B 437 -8.75 -4.46 4.17
C TYR B 437 -7.81 -3.33 3.83
N ILE B 438 -7.17 -3.41 2.66
CA ILE B 438 -6.22 -2.38 2.27
C ILE B 438 -6.92 -1.04 2.10
N ARG B 439 -8.04 -1.03 1.37
CA ARG B 439 -8.75 0.23 1.14
C ARG B 439 -9.30 0.79 2.44
N ASP B 440 -9.86 -0.08 3.29
CA ASP B 440 -10.45 0.37 4.55
C ASP B 440 -9.39 0.90 5.51
N SER B 441 -8.15 0.42 5.41
CA SER B 441 -7.14 0.80 6.36
C SER B 441 -6.28 1.97 5.89
N LYS B 442 -6.40 2.40 4.62
CA LYS B 442 -5.59 3.54 4.16
C LYS B 442 -5.94 4.81 4.96
N ILE B 443 -7.20 4.96 5.37
CA ILE B 443 -7.65 6.14 6.10
C ILE B 443 -6.95 6.25 7.44
N ASP B 444 -6.41 5.16 7.96
CA ASP B 444 -5.90 5.20 9.35
C ASP B 444 -4.65 6.04 9.51
N SER B 445 -3.89 6.28 8.44
CA SER B 445 -2.76 7.20 8.52
C SER B 445 -3.17 8.66 8.41
N LEU B 446 -4.48 8.94 8.29
CA LEU B 446 -4.97 10.27 7.94
C LEU B 446 -5.92 10.83 8.98
N TYR B 447 -7.06 10.17 9.22
CA TYR B 447 -8.03 10.71 10.22
C TYR B 447 -7.48 10.56 11.65
N ALA B 448 -8.01 11.38 12.59
CA ALA B 448 -7.50 11.49 13.94
C ALA B 448 -6.06 12.01 13.95
N GLY B 449 -5.64 12.68 12.87
CA GLY B 449 -4.34 13.32 12.80
C GLY B 449 -3.35 12.53 11.98
N THR B 450 -2.74 13.17 10.97
CA THR B 450 -1.86 12.43 10.06
C THR B 450 -0.64 11.91 10.79
N THR B 451 0.02 10.93 10.13
CA THR B 451 1.27 10.42 10.67
C THR B 451 2.25 11.53 11.01
N ALA B 452 2.39 12.55 10.16
CA ALA B 452 3.31 13.65 10.47
C ALA B 452 2.91 14.34 11.77
N ILE B 453 1.61 14.56 11.96
CA ILE B 453 1.15 15.17 13.21
C ILE B 453 1.40 14.24 14.39
N GLN B 454 1.22 12.93 14.20
CA GLN B 454 1.55 11.98 15.28
C GLN B 454 3.02 12.10 15.67
N ALA B 455 3.91 12.12 14.66
CA ALA B 455 5.34 12.11 14.95
C ALA B 455 5.77 13.40 15.62
N GLN B 456 5.18 14.50 15.19
CA GLN B 456 5.44 15.80 15.81
C GLN B 456 4.92 15.86 17.25
N ASP B 457 3.73 15.30 17.49
CA ASP B 457 3.22 15.19 18.86
C ASP B 457 4.16 14.35 19.71
N PHE B 458 4.56 13.20 19.17
CA PHE B 458 5.46 12.27 19.87
C PHE B 458 6.74 12.98 20.34
N PHE B 459 7.42 13.68 19.43
CA PHE B 459 8.69 14.29 19.78
C PHE B 459 8.52 15.51 20.66
N PHE B 460 7.76 16.51 20.19
CA PHE B 460 7.71 17.79 20.89
C PHE B 460 6.90 17.72 22.17
N ARG B 461 5.75 17.03 22.14
CA ARG B 461 4.94 17.05 23.35
C ARG B 461 5.24 15.88 24.25
N LYS B 462 5.40 14.67 23.69
CA LYS B 462 5.49 13.47 24.52
C LYS B 462 6.92 13.15 24.95
N ILE B 463 7.93 13.77 24.34
CA ILE B 463 9.32 13.61 24.77
C ILE B 463 9.89 14.91 25.32
N ILE B 464 9.95 15.97 24.50
CA ILE B 464 10.62 17.19 24.95
C ILE B 464 9.84 17.84 26.08
N ARG B 465 8.55 18.14 25.86
CA ARG B 465 7.77 18.78 26.91
C ARG B 465 7.66 17.91 28.16
N ASP B 466 7.72 16.59 27.99
CA ASP B 466 7.70 15.62 29.09
C ASP B 466 9.05 15.51 29.80
N LYS B 467 10.08 16.22 29.34
CA LYS B 467 11.45 16.10 29.86
C LYS B 467 11.96 14.66 29.79
N GLY B 468 11.48 13.92 28.79
CA GLY B 468 11.95 12.56 28.55
C GLY B 468 11.64 11.55 29.62
N GLN B 469 10.75 11.86 30.58
CA GLN B 469 10.54 10.95 31.70
C GLN B 469 9.85 9.64 31.27
N ALA B 470 8.79 9.74 30.45
CA ALA B 470 8.14 8.52 29.98
C ALA B 470 9.07 7.70 29.09
N LEU B 471 9.76 8.35 28.17
CA LEU B 471 10.70 7.62 27.30
C LEU B 471 11.79 6.94 28.14
N ALA B 472 12.30 7.65 29.15
CA ALA B 472 13.36 7.07 29.96
C ALA B 472 12.87 5.86 30.73
N TYR B 473 11.62 5.91 31.21
CA TYR B 473 11.02 4.75 31.85
C TYR B 473 11.00 3.54 30.92
N VAL B 474 10.43 3.73 29.72
CA VAL B 474 10.33 2.63 28.77
C VAL B 474 11.71 2.08 28.44
N ALA B 475 12.65 2.97 28.12
CA ALA B 475 13.99 2.53 27.78
C ALA B 475 14.60 1.73 28.92
N GLY B 476 14.33 2.12 30.16
CA GLY B 476 14.84 1.39 31.31
C GLY B 476 14.28 -0.01 31.43
N GLU B 477 13.01 -0.20 31.02
CA GLU B 477 12.43 -1.54 31.01
C GLU B 477 13.07 -2.39 29.92
N ILE B 478 13.34 -1.78 28.76
CA ILE B 478 14.04 -2.53 27.71
C ILE B 478 15.43 -2.90 28.17
N GLU B 479 16.13 -1.97 28.81
CA GLU B 479 17.49 -2.24 29.29
C GLU B 479 17.49 -3.39 30.29
N GLN B 480 16.50 -3.43 31.19
CA GLN B 480 16.47 -4.52 32.18
C GLN B 480 16.20 -5.86 31.51
N PHE B 481 15.32 -5.91 30.52
CA PHE B 481 15.14 -7.17 29.79
C PHE B 481 16.42 -7.60 29.12
N ILE B 482 17.17 -6.65 28.55
CA ILE B 482 18.43 -7.01 27.89
C ILE B 482 19.43 -7.56 28.90
N LYS B 483 19.51 -6.93 30.07
CA LYS B 483 20.48 -7.34 31.09
C LYS B 483 20.16 -8.71 31.67
N ASN B 484 18.89 -9.04 31.83
CA ASN B 484 18.53 -10.33 32.41
C ASN B 484 19.07 -11.49 31.57
N ASN B 488 18.89 -18.21 31.33
CA ASN B 488 19.08 -18.84 30.04
C ASN B 488 19.77 -17.88 29.05
N GLY B 489 20.68 -18.43 28.23
CA GLY B 489 21.24 -17.70 27.11
C GLY B 489 20.55 -18.02 25.79
N ARG B 490 19.35 -18.60 25.88
CA ARG B 490 18.63 -18.94 24.65
C ARG B 490 18.09 -17.71 23.93
N LEU B 491 17.99 -16.56 24.60
CA LEU B 491 17.64 -15.30 23.93
C LEU B 491 18.84 -14.35 23.83
N LYS B 492 20.05 -14.91 23.86
CA LYS B 492 21.25 -14.07 23.84
C LYS B 492 21.33 -13.26 22.55
N THR B 493 21.19 -13.92 21.41
CA THR B 493 21.29 -13.20 20.14
C THR B 493 20.22 -12.12 20.04
N GLU B 494 18.98 -12.45 20.41
CA GLU B 494 17.90 -11.47 20.39
C GLU B 494 18.19 -10.29 21.33
N ARG B 495 18.72 -10.58 22.52
CA ARG B 495 19.03 -9.49 23.44
C ARG B 495 20.15 -8.61 22.90
N GLU B 496 21.15 -9.20 22.24
CA GLU B 496 22.18 -8.40 21.60
C GLU B 496 21.60 -7.51 20.53
N LEU B 497 20.70 -8.04 19.73
CA LEU B 497 20.07 -7.26 18.68
C LEU B 497 19.18 -6.16 19.26
N LEU B 498 18.47 -6.45 20.34
CA LEU B 498 17.67 -5.39 20.97
C LEU B 498 18.55 -4.30 21.56
N ALA B 499 19.70 -4.69 22.14
CA ALA B 499 20.62 -3.67 22.66
C ALA B 499 21.08 -2.72 21.57
N THR B 500 21.39 -3.26 20.39
CA THR B 500 21.77 -2.39 19.28
C THR B 500 20.59 -1.49 18.89
N ALA B 501 19.39 -2.06 18.80
CA ALA B 501 18.21 -1.27 18.42
C ALA B 501 17.90 -0.21 19.47
N LEU B 502 18.04 -0.53 20.76
CA LEU B 502 17.81 0.50 21.78
C LEU B 502 18.82 1.64 21.65
N ALA B 503 20.09 1.31 21.46
CA ALA B 503 21.09 2.36 21.30
C ALA B 503 20.84 3.17 20.04
N ASP B 504 20.39 2.51 18.97
CA ASP B 504 20.03 3.24 17.76
C ASP B 504 18.93 4.26 18.02
N VAL B 505 17.84 3.83 18.66
CA VAL B 505 16.73 4.75 18.96
C VAL B 505 17.19 5.87 19.89
N GLN B 506 18.01 5.54 20.90
CA GLN B 506 18.52 6.60 21.76
C GLN B 506 19.38 7.58 20.97
N GLY B 507 20.21 7.09 20.05
CA GLY B 507 20.97 7.97 19.20
C GLY B 507 20.09 8.86 18.33
N MET B 508 19.00 8.29 17.76
CA MET B 508 18.04 9.12 17.02
C MET B 508 17.47 10.21 17.90
N ALA B 509 17.02 9.85 19.10
CA ALA B 509 16.46 10.88 19.99
C ALA B 509 17.48 11.96 20.31
N ALA B 510 18.75 11.56 20.52
CA ALA B 510 19.79 12.54 20.82
C ALA B 510 20.07 13.45 19.61
N SER B 511 20.08 12.88 18.42
CA SER B 511 20.28 13.70 17.21
C SER B 511 19.19 14.74 17.08
N LEU B 512 17.93 14.30 17.08
CA LEU B 512 16.82 15.23 16.93
C LEU B 512 16.82 16.28 18.03
N THR B 513 17.10 15.85 19.27
CA THR B 513 17.20 16.83 20.35
C THR B 513 18.32 17.83 20.08
N GLY B 514 19.43 17.36 19.52
CA GLY B 514 20.50 18.27 19.16
C GLY B 514 20.06 19.29 18.12
N TYR B 515 19.29 18.86 17.12
CA TYR B 515 18.82 19.79 16.10
C TYR B 515 17.90 20.83 16.71
N LEU B 516 17.05 20.41 17.64
CA LEU B 516 16.20 21.37 18.33
C LEU B 516 17.02 22.38 19.13
N MET B 517 18.04 21.91 19.86
CA MET B 517 18.89 22.83 20.62
C MET B 517 19.59 23.82 19.68
N ALA B 518 20.12 23.33 18.56
CA ALA B 518 20.76 24.19 17.59
C ALA B 518 19.81 25.23 17.05
N ALA B 519 18.50 24.97 17.08
CA ALA B 519 17.56 25.94 16.54
C ALA B 519 17.49 27.21 17.40
N GLN B 520 18.02 27.17 18.64
CA GLN B 520 18.17 28.41 19.41
C GLN B 520 19.07 29.41 18.71
N GLU B 521 20.01 28.92 17.91
CA GLU B 521 21.02 29.72 17.24
C GLU B 521 20.72 29.92 15.76
N ASP B 522 20.20 28.90 15.08
CA ASP B 522 19.81 29.00 13.68
C ASP B 522 18.42 28.37 13.58
N ALA B 523 17.40 29.22 13.43
CA ALA B 523 16.03 28.76 13.46
C ALA B 523 15.78 27.61 12.49
N ALA B 524 16.46 27.60 11.35
CA ALA B 524 16.22 26.60 10.30
C ALA B 524 16.64 25.21 10.73
N SER B 525 17.50 25.10 11.75
CA SER B 525 17.87 23.77 12.22
C SER B 525 16.64 22.95 12.63
N ILE B 526 15.56 23.60 13.07
CA ILE B 526 14.38 22.86 13.49
C ILE B 526 13.83 22.01 12.35
N TYR B 527 14.08 22.41 11.09
CA TYR B 527 13.55 21.63 9.98
C TYR B 527 14.07 20.20 10.00
N LYS B 528 15.29 19.99 10.50
CA LYS B 528 15.83 18.64 10.55
C LYS B 528 15.03 17.75 11.49
N VAL B 529 14.49 18.32 12.58
CA VAL B 529 13.56 17.53 13.39
C VAL B 529 12.37 17.08 12.56
N GLY B 530 11.79 18.00 11.79
CA GLY B 530 10.66 17.65 10.98
C GLY B 530 11.01 16.60 9.96
N LEU B 531 12.23 16.69 9.37
CA LEU B 531 12.64 15.71 8.37
C LEU B 531 12.77 14.31 8.97
N GLY B 532 13.26 14.23 10.20
CA GLY B 532 13.50 12.93 10.79
C GLY B 532 12.38 12.39 11.66
N SER B 533 11.35 13.19 11.94
CA SER B 533 10.40 12.84 13.01
C SER B 533 9.61 11.56 12.70
N VAL B 534 9.12 11.39 11.47
CA VAL B 534 8.33 10.17 11.19
C VAL B 534 9.22 8.93 11.25
N ARG B 535 10.42 9.01 10.68
CA ARG B 535 11.33 7.86 10.75
C ARG B 535 11.66 7.50 12.19
N PHE B 536 11.77 8.51 13.07
CA PHE B 536 12.02 8.24 14.49
C PHE B 536 10.84 7.52 15.12
N LEU B 537 9.63 8.02 14.87
CA LEU B 537 8.43 7.39 15.45
C LEU B 537 8.33 5.94 15.00
N MET B 538 8.62 5.67 13.72
CA MET B 538 8.58 4.29 13.25
C MET B 538 9.68 3.44 13.88
N ALA B 539 10.86 4.03 14.12
CA ALA B 539 11.95 3.29 14.78
C ALA B 539 11.56 2.88 16.19
N VAL B 540 10.95 3.79 16.95
CA VAL B 540 10.50 3.43 18.28
C VAL B 540 9.44 2.33 18.22
N GLY B 541 8.57 2.38 17.20
CA GLY B 541 7.61 1.29 17.06
C GLY B 541 8.28 -0.05 16.81
N ASP B 542 9.26 -0.07 15.91
CA ASP B 542 10.00 -1.32 15.68
C ASP B 542 10.67 -1.80 16.96
N LEU B 543 11.29 -0.87 17.70
CA LEU B 543 11.99 -1.25 18.93
C LEU B 543 11.02 -1.86 19.93
N LEU B 544 9.86 -1.22 20.12
CA LEU B 544 8.86 -1.75 21.05
C LEU B 544 8.34 -3.09 20.57
N SER B 545 8.12 -3.23 19.26
CA SER B 545 7.66 -4.51 18.74
C SER B 545 8.66 -5.60 19.04
N GLY B 546 9.94 -5.33 18.75
CA GLY B 546 10.96 -6.35 18.95
C GLY B 546 11.12 -6.71 20.41
N TRP B 547 11.05 -5.70 21.28
CA TRP B 547 11.14 -5.96 22.72
C TRP B 547 9.95 -6.78 23.21
N LEU B 548 8.74 -6.34 22.89
CA LEU B 548 7.57 -7.05 23.41
C LEU B 548 7.48 -8.46 22.83
N LEU B 549 7.84 -8.66 21.56
CA LEU B 549 7.89 -10.03 21.05
C LEU B 549 8.92 -10.86 21.82
N ALA B 550 10.05 -10.26 22.17
CA ALA B 550 11.09 -10.99 22.90
C ALA B 550 10.64 -11.34 24.31
N ARG B 551 9.93 -10.40 24.97
CA ARG B 551 9.29 -10.74 26.23
C ARG B 551 8.34 -11.91 26.06
N GLN B 552 7.56 -11.90 24.97
CA GLN B 552 6.65 -13.02 24.75
C GLN B 552 7.42 -14.31 24.54
N ALA B 553 8.53 -14.24 23.80
CA ALA B 553 9.37 -15.42 23.60
C ALA B 553 9.88 -15.97 24.93
N ALA B 554 10.24 -15.08 25.87
CA ALA B 554 10.74 -15.55 27.16
C ALA B 554 9.67 -16.28 27.96
N VAL B 555 8.43 -15.77 27.96
CA VAL B 555 7.31 -16.48 28.59
C VAL B 555 7.06 -17.80 27.87
N ALA B 556 7.09 -17.79 26.53
CA ALA B 556 6.88 -19.03 25.77
C ALA B 556 7.95 -20.07 26.11
N ILE B 557 9.20 -19.64 26.27
CA ILE B 557 10.26 -20.58 26.65
C ILE B 557 9.94 -21.21 28.00
N GLU B 558 9.52 -20.40 28.97
CA GLU B 558 9.13 -20.98 30.27
C GLU B 558 8.02 -22.00 30.12
N LYS B 559 7.01 -21.70 29.31
CA LYS B 559 5.88 -22.60 29.20
C LYS B 559 6.25 -23.89 28.47
N LEU B 560 7.13 -23.79 27.46
CA LEU B 560 7.60 -25.00 26.80
C LEU B 560 8.47 -25.84 27.73
N ASP B 561 9.38 -25.18 28.47
CA ASP B 561 10.21 -25.90 29.44
C ASP B 561 9.34 -26.66 30.44
N ALA B 562 8.24 -26.04 30.89
CA ALA B 562 7.38 -26.69 31.87
C ALA B 562 6.63 -27.88 31.28
N GLY B 563 6.56 -27.99 29.95
CA GLY B 563 6.05 -29.20 29.33
C GLY B 563 4.83 -28.98 28.47
N ALA B 564 4.66 -27.78 27.90
CA ALA B 564 3.51 -27.56 27.02
C ALA B 564 3.51 -28.58 25.88
N THR B 565 2.30 -28.97 25.46
CA THR B 565 2.10 -29.95 24.41
C THR B 565 1.08 -29.41 23.41
N GLY B 566 0.98 -30.09 22.27
CA GLY B 566 -0.17 -29.89 21.42
C GLY B 566 -0.24 -28.49 20.84
N ALA B 567 -1.46 -27.97 20.72
CA ALA B 567 -1.65 -26.66 20.13
C ALA B 567 -0.95 -25.59 20.93
N ASP B 568 -0.95 -25.71 22.27
CA ASP B 568 -0.20 -24.78 23.11
C ASP B 568 1.26 -24.75 22.69
N LYS B 569 1.87 -25.93 22.59
CA LYS B 569 3.26 -26.00 22.20
C LYS B 569 3.51 -25.28 20.89
N SER B 570 2.64 -25.50 19.89
CA SER B 570 2.83 -24.87 18.60
C SER B 570 2.73 -23.36 18.72
N PHE B 571 1.79 -22.89 19.53
CA PHE B 571 1.65 -21.46 19.78
C PHE B 571 2.94 -20.88 20.34
N TYR B 572 3.48 -21.51 21.38
CA TYR B 572 4.70 -20.99 22.01
C TYR B 572 5.90 -21.06 21.07
N GLU B 573 6.00 -22.13 20.28
CA GLU B 573 7.10 -22.19 19.32
C GLU B 573 7.03 -21.04 18.32
N GLY B 574 5.81 -20.66 17.93
CA GLY B 574 5.64 -19.56 16.99
C GLY B 574 6.03 -18.22 17.57
N LYS B 575 5.84 -18.03 18.88
CA LYS B 575 6.31 -16.81 19.55
C LYS B 575 7.83 -16.70 19.53
N ILE B 576 8.51 -17.79 19.84
CA ILE B 576 9.98 -17.76 19.79
C ILE B 576 10.43 -17.42 18.38
N ALA B 577 9.83 -18.07 17.38
CA ALA B 577 10.25 -17.84 16.00
C ALA B 577 9.97 -16.41 15.57
N ALA B 578 8.83 -15.86 15.99
CA ALA B 578 8.52 -14.48 15.62
C ALA B 578 9.52 -13.50 16.23
N ALA B 579 9.81 -13.65 17.53
CA ALA B 579 10.75 -12.75 18.17
C ALA B 579 12.12 -12.85 17.54
N SER B 580 12.55 -14.06 17.22
CA SER B 580 13.86 -14.22 16.62
C SER B 580 13.86 -13.66 15.19
N PHE B 581 12.80 -13.92 14.40
CA PHE B 581 12.77 -13.39 13.04
C PHE B 581 12.78 -11.88 13.04
N PHE B 582 11.97 -11.28 13.91
CA PHE B 582 11.90 -9.83 13.98
C PHE B 582 13.23 -9.22 14.42
N ALA B 583 13.89 -9.80 15.42
CA ALA B 583 15.17 -9.24 15.84
C ALA B 583 16.20 -9.27 14.72
N LYS B 584 16.20 -10.35 13.92
CA LYS B 584 17.24 -10.57 12.92
C LYS B 584 16.95 -9.93 11.57
N ASN B 585 15.69 -9.58 11.29
CA ASN B 585 15.33 -9.10 9.97
C ASN B 585 14.77 -7.69 9.98
N MET B 586 14.20 -7.23 11.09
CA MET B 586 13.61 -5.90 11.20
C MET B 586 14.49 -4.95 11.99
N LEU B 587 14.99 -5.37 13.13
CA LEU B 587 15.69 -4.41 14.00
C LEU B 587 16.95 -3.86 13.37
N PRO B 588 17.80 -4.64 12.66
CA PRO B 588 19.09 -4.06 12.23
C PRO B 588 18.93 -2.83 11.35
N LEU B 589 17.84 -2.72 10.59
CA LEU B 589 17.66 -1.55 9.73
C LEU B 589 17.68 -0.25 10.53
N LEU B 590 17.35 -0.30 11.82
CA LEU B 590 17.37 0.93 12.63
C LEU B 590 18.76 1.54 12.70
N THR B 591 19.81 0.73 12.51
CA THR B 591 21.17 1.28 12.53
C THR B 591 21.39 2.21 11.36
N SER B 592 20.98 1.81 10.17
CA SER B 592 21.14 2.69 9.02
C SER B 592 20.25 3.91 9.18
N THR B 593 19.03 3.71 9.68
CA THR B 593 18.14 4.85 9.91
C THR B 593 18.76 5.84 10.90
N ARG B 594 19.37 5.34 11.97
CA ARG B 594 20.07 6.25 12.88
C ARG B 594 21.14 7.04 12.12
N GLN B 595 21.96 6.36 11.33
CA GLN B 595 23.01 7.07 10.59
C GLN B 595 22.42 8.10 9.63
N ILE B 596 21.29 7.77 8.98
CA ILE B 596 20.62 8.71 8.09
C ILE B 596 20.17 9.94 8.86
N ILE B 597 19.60 9.74 10.04
CA ILE B 597 19.13 10.87 10.85
C ILE B 597 20.29 11.70 11.36
N GLU B 598 21.42 11.06 11.66
CA GLU B 598 22.59 11.83 12.09
C GLU B 598 23.13 12.72 10.98
N ASN B 599 22.71 12.51 9.74
CA ASN B 599 23.28 13.25 8.62
C ASN B 599 22.28 14.09 7.86
N LEU B 600 21.07 14.26 8.40
CA LEU B 600 20.07 15.08 7.73
C LEU B 600 20.62 16.47 7.47
N ASP B 601 20.17 17.10 6.38
CA ASP B 601 20.57 18.48 6.16
C ASP B 601 19.43 19.23 5.48
N ASN B 602 19.64 20.52 5.30
CA ASN B 602 18.55 21.37 4.87
C ASN B 602 18.53 21.62 3.37
N ASP B 603 19.37 20.91 2.61
CA ASP B 603 19.34 21.05 1.16
C ASP B 603 17.92 20.91 0.62
N VAL B 604 17.18 19.90 1.10
CA VAL B 604 15.84 19.68 0.57
C VAL B 604 14.90 20.81 0.97
N MET B 605 15.18 21.52 2.07
CA MET B 605 14.40 22.69 2.45
C MET B 605 14.77 23.92 1.65
N GLU B 606 16.02 24.06 1.22
CA GLU B 606 16.45 25.27 0.50
C GLU B 606 16.14 25.20 -0.99
N LEU B 607 15.85 24.01 -1.51
CA LEU B 607 15.56 23.85 -2.93
C LEU B 607 14.37 24.70 -3.34
N ASP B 608 14.49 25.37 -4.49
CA ASP B 608 13.36 26.10 -5.04
C ASP B 608 12.17 25.16 -5.21
N GLU B 609 10.99 25.60 -4.78
CA GLU B 609 9.79 24.81 -5.02
C GLU B 609 9.63 24.49 -6.49
N ALA B 610 10.11 25.37 -7.38
CA ALA B 610 10.00 25.14 -8.82
C ALA B 610 10.81 23.94 -9.30
N ALA B 611 11.82 23.51 -8.55
CA ALA B 611 12.66 22.41 -8.97
C ALA B 611 12.01 21.05 -8.73
N PHE B 612 10.91 20.98 -7.97
CA PHE B 612 10.30 19.69 -7.73
C PHE B 612 9.61 19.17 -9.01
#